data_9R30
#
_entry.id   9R30
#
_cell.length_a   152.585
_cell.length_b   152.585
_cell.length_c   172.572
_cell.angle_alpha   90.00
_cell.angle_beta   90.00
_cell.angle_gamma   120.00
#
_symmetry.space_group_name_H-M   'H 3'
#
loop_
_entity.id
_entity.type
_entity.pdbx_description
1 polymer 'Carbonic anhydrase'
2 non-polymer 'ZINC ION'
3 non-polymer 2,6-bis(fluoranyl)-4-methylsulfonyl-3,5-bis[(4-oxidanylcyclohexyl)amino]benzenesulfonamide
4 water water
#
_entity_poly.entity_id   1
_entity_poly.type   'polypeptide(L)'
_entity_poly.pdbx_seq_one_letter_code
;GDQSHWRYGGDPPWPRVSPACAGRFQSPVDIRPQLAAFSPALRPLELLGFQLPPLPELRLRNNGHSVQLTLPPGLEMALG
PGREYRALQLHLHWGAAGRPGSEHTVEGHRFPAEIHVVHLSTAFARVDEALGRPGGLAVLAAFLEEGPEENSAYEQLLSR
LEEIAEEGSETQVPGLDISALLPSDFSRYFQYEGSLTTPPCAQGVIWTVFQQTVMLSAKQLHTLSDTLWGPGDSRLQLNF
RATQPLNGRVIEASFP
;
_entity_poly.pdbx_strand_id   A,B,C,D
#
# COMPACT_ATOMS: atom_id res chain seq x y z
N SER A 18 -6.69 -11.97 24.84
CA SER A 18 -6.04 -11.75 23.53
C SER A 18 -4.53 -11.68 23.69
N PRO A 19 -3.74 -12.11 22.67
CA PRO A 19 -2.30 -11.89 22.67
C PRO A 19 -1.92 -10.42 22.65
N ALA A 20 -2.89 -9.52 22.38
CA ALA A 20 -2.56 -8.10 22.42
C ALA A 20 -2.22 -7.66 23.86
N CYS A 21 -2.68 -8.42 24.85
CA CYS A 21 -2.36 -8.19 26.26
C CYS A 21 -0.87 -8.37 26.56
N ALA A 22 -0.15 -9.03 25.66
CA ALA A 22 1.30 -9.21 25.74
C ALA A 22 2.00 -8.24 24.79
N GLY A 23 1.32 -7.19 24.33
CA GLY A 23 2.00 -6.20 23.49
C GLY A 23 3.01 -5.39 24.31
N ARG A 24 3.82 -4.59 23.63
CA ARG A 24 4.92 -3.85 24.24
C ARG A 24 4.50 -2.54 24.91
N PHE A 25 3.34 -1.96 24.54
CA PHE A 25 2.97 -0.63 25.00
C PHE A 25 1.63 -0.65 25.71
N GLN A 26 1.60 -1.30 26.88
CA GLN A 26 0.40 -1.51 27.65
C GLN A 26 0.25 -0.54 28.83
N SER A 27 -0.96 -0.55 29.35
CA SER A 27 -1.38 0.24 30.49
C SER A 27 -1.94 -0.72 31.55
N PRO A 28 -1.95 -0.36 32.85
CA PRO A 28 -1.41 0.90 33.37
C PRO A 28 0.09 0.86 33.65
N VAL A 29 0.63 1.99 34.12
CA VAL A 29 2.07 2.13 34.37
C VAL A 29 2.29 2.83 35.72
N ASP A 30 3.52 2.70 36.24
CA ASP A 30 3.99 3.50 37.37
C ASP A 30 4.48 4.85 36.89
N ILE A 31 3.90 5.93 37.42
CA ILE A 31 4.33 7.28 37.09
C ILE A 31 5.43 7.69 38.09
N ARG A 32 6.55 8.15 37.53
CA ARG A 32 7.72 8.61 38.25
C ARG A 32 7.95 10.05 37.87
N PRO A 33 7.35 11.00 38.63
CA PRO A 33 7.34 12.39 38.19
C PRO A 33 8.70 13.00 37.87
N GLN A 34 9.75 12.56 38.58
CA GLN A 34 11.07 13.11 38.30
C GLN A 34 11.58 12.69 36.92
N LEU A 35 11.02 11.62 36.35
CA LEU A 35 11.43 11.17 35.03
C LEU A 35 10.45 11.58 33.95
N ALA A 36 9.39 12.29 34.32
CA ALA A 36 8.47 12.77 33.29
C ALA A 36 9.14 13.87 32.47
N ALA A 37 8.83 14.00 31.18
CA ALA A 37 9.28 15.10 30.35
C ALA A 37 8.27 16.24 30.37
N PHE A 38 8.69 17.43 30.84
CA PHE A 38 7.86 18.63 30.80
C PHE A 38 7.74 19.05 29.34
N SER A 39 6.53 19.16 28.79
CA SER A 39 6.40 19.87 27.51
C SER A 39 5.41 20.98 27.69
N PRO A 40 5.91 22.21 27.54
CA PRO A 40 5.05 23.39 27.54
C PRO A 40 3.99 23.37 26.45
N ALA A 41 4.08 22.49 25.44
CA ALA A 41 3.00 22.40 24.45
C ALA A 41 1.68 21.80 25.01
N LEU A 42 1.72 21.10 26.16
CA LEU A 42 0.55 20.48 26.75
C LEU A 42 -0.31 21.55 27.44
N ARG A 43 -1.42 21.92 26.79
CA ARG A 43 -2.28 23.02 27.21
C ARG A 43 -3.34 22.49 28.18
N PRO A 44 -4.05 23.36 28.94
CA PRO A 44 -5.13 22.91 29.83
C PRO A 44 -6.16 22.10 29.05
N LEU A 45 -6.60 21.00 29.63
CA LEU A 45 -7.67 20.22 29.05
C LEU A 45 -8.92 21.08 28.89
N GLU A 46 -9.66 20.87 27.82
CA GLU A 46 -10.93 21.55 27.60
C GLU A 46 -12.05 20.52 27.58
N LEU A 47 -12.97 20.66 28.55
CA LEU A 47 -14.13 19.80 28.74
C LEU A 47 -15.41 20.65 28.70
N LEU A 48 -16.15 20.59 27.58
CA LEU A 48 -17.41 21.28 27.41
C LEU A 48 -18.56 20.29 27.27
N GLY A 49 -19.72 20.73 27.79
CA GLY A 49 -20.96 20.00 27.72
C GLY A 49 -21.07 18.96 28.82
N PHE A 50 -20.22 19.05 29.85
CA PHE A 50 -20.17 18.01 30.87
C PHE A 50 -21.21 18.24 31.98
N GLN A 51 -21.79 19.45 32.05
CA GLN A 51 -22.77 19.73 33.11
C GLN A 51 -24.17 19.27 32.67
N LEU A 52 -24.54 18.01 32.95
CA LEU A 52 -25.75 17.44 32.38
C LEU A 52 -26.97 17.88 33.19
N PRO A 53 -28.15 18.07 32.56
CA PRO A 53 -29.36 18.40 33.30
C PRO A 53 -29.91 17.13 33.95
N PRO A 54 -30.85 17.24 34.91
CA PRO A 54 -31.42 16.06 35.57
C PRO A 54 -32.08 15.06 34.62
N LEU A 55 -32.61 15.54 33.47
CA LEU A 55 -33.17 14.65 32.47
C LEU A 55 -32.57 14.95 31.10
N PRO A 56 -32.32 13.95 30.22
CA PRO A 56 -32.61 12.52 30.47
C PRO A 56 -31.73 11.86 31.53
N GLU A 57 -32.21 10.71 32.01
CA GLU A 57 -31.49 9.91 32.97
C GLU A 57 -30.42 9.10 32.24
N LEU A 58 -29.49 8.53 33.02
CA LEU A 58 -28.32 7.84 32.47
C LEU A 58 -28.34 6.42 32.98
N ARG A 59 -27.92 5.50 32.14
CA ARG A 59 -27.78 4.11 32.53
C ARG A 59 -26.53 3.91 33.37
N LEU A 60 -26.71 3.37 34.59
CA LEU A 60 -25.65 2.92 35.48
C LEU A 60 -25.74 1.41 35.58
N ARG A 61 -24.59 0.71 35.46
CA ARG A 61 -24.68 -0.72 35.26
C ARG A 61 -23.51 -1.45 35.90
N ASN A 62 -23.84 -2.57 36.56
CA ASN A 62 -22.85 -3.47 37.13
C ASN A 62 -22.66 -4.55 36.08
N ASN A 63 -21.47 -4.59 35.47
CA ASN A 63 -21.18 -5.52 34.39
C ASN A 63 -20.42 -6.72 34.95
N GLY A 64 -20.29 -6.81 36.28
CA GLY A 64 -19.56 -7.89 36.90
C GLY A 64 -18.07 -7.58 37.08
N HIS A 65 -17.56 -6.58 36.36
CA HIS A 65 -16.14 -6.26 36.33
C HIS A 65 -15.89 -4.83 36.85
N SER A 66 -16.84 -3.93 36.59
CA SER A 66 -16.82 -2.59 37.15
C SER A 66 -18.25 -2.07 37.19
N VAL A 67 -18.44 -0.85 37.70
CA VAL A 67 -19.67 -0.09 37.53
C VAL A 67 -19.45 0.94 36.43
N GLN A 68 -20.38 1.01 35.47
CA GLN A 68 -20.23 1.84 34.29
C GLN A 68 -21.44 2.75 34.11
N LEU A 69 -21.15 4.04 33.90
CA LEU A 69 -22.14 5.03 33.52
C LEU A 69 -22.00 5.38 32.04
N THR A 70 -23.05 5.13 31.27
CA THR A 70 -23.14 5.54 29.87
C THR A 70 -23.36 7.04 29.83
N LEU A 71 -22.59 7.74 29.00
CA LEU A 71 -22.77 9.16 28.87
C LEU A 71 -23.51 9.45 27.58
N PRO A 72 -24.30 10.54 27.53
CA PRO A 72 -24.97 10.96 26.31
C PRO A 72 -24.02 11.64 25.33
N PRO A 73 -24.51 11.91 24.09
CA PRO A 73 -23.82 12.81 23.16
C PRO A 73 -23.71 14.21 23.75
N GLY A 74 -22.70 14.94 23.29
CA GLY A 74 -22.55 16.35 23.58
C GLY A 74 -21.39 16.65 24.53
N LEU A 75 -20.68 15.65 25.06
CA LEU A 75 -19.61 15.91 26.02
C LEU A 75 -18.31 16.00 25.22
N GLU A 76 -17.84 17.23 24.98
CA GLU A 76 -16.72 17.45 24.07
C GLU A 76 -15.47 17.70 24.92
N MET A 77 -14.35 17.13 24.46
CA MET A 77 -13.05 17.16 25.16
C MET A 77 -11.94 17.31 24.13
N ALA A 78 -11.03 18.26 24.38
CA ALA A 78 -9.85 18.48 23.58
C ALA A 78 -8.58 18.29 24.42
N LEU A 79 -7.62 17.54 23.85
CA LEU A 79 -6.26 17.42 24.38
C LEU A 79 -5.32 18.46 23.77
N GLY A 80 -5.69 19.05 22.63
CA GLY A 80 -4.94 20.14 22.07
C GLY A 80 -5.67 20.71 20.87
N PRO A 81 -5.06 21.69 20.15
CA PRO A 81 -5.73 22.31 19.01
C PRO A 81 -6.11 21.29 17.95
N GLY A 82 -7.41 21.20 17.66
CA GLY A 82 -7.89 20.22 16.68
C GLY A 82 -7.77 18.75 17.12
N ARG A 83 -7.46 18.46 18.38
CA ARG A 83 -7.47 17.08 18.81
C ARG A 83 -8.68 16.86 19.74
N GLU A 84 -9.83 16.59 19.14
CA GLU A 84 -11.10 16.55 19.84
C GLU A 84 -11.65 15.14 19.93
N TYR A 85 -12.46 14.98 20.99
CA TYR A 85 -12.97 13.75 21.55
C TYR A 85 -14.43 13.93 22.01
N ARG A 86 -15.18 12.83 22.13
CA ARG A 86 -16.51 12.83 22.72
C ARG A 86 -16.52 11.76 23.78
N ALA A 87 -17.03 12.07 24.98
CA ALA A 87 -17.05 11.08 26.05
C ALA A 87 -18.12 10.02 25.77
N LEU A 88 -17.82 8.77 26.10
CA LEU A 88 -18.67 7.62 25.85
C LEU A 88 -19.24 7.13 27.15
N GLN A 89 -18.36 6.95 28.15
CA GLN A 89 -18.68 6.30 29.41
C GLN A 89 -17.63 6.63 30.47
N LEU A 90 -18.00 6.44 31.73
CA LEU A 90 -17.03 6.43 32.81
C LEU A 90 -17.23 5.17 33.63
N HIS A 91 -16.14 4.74 34.26
CA HIS A 91 -16.15 3.58 35.12
C HIS A 91 -15.05 3.73 36.18
N LEU A 92 -15.04 2.83 37.16
CA LEU A 92 -14.14 2.98 38.31
C LEU A 92 -13.38 1.68 38.56
N HIS A 93 -12.24 1.86 39.25
CA HIS A 93 -11.39 0.78 39.68
C HIS A 93 -11.16 1.01 41.17
N TRP A 94 -11.19 -0.07 41.96
CA TRP A 94 -11.19 0.07 43.41
C TRP A 94 -10.67 -1.20 44.07
N GLY A 95 -10.45 -1.10 45.39
CA GLY A 95 -9.66 -2.06 46.13
C GLY A 95 -10.57 -3.01 46.91
N ALA A 96 -10.21 -3.23 48.18
CA ALA A 96 -11.07 -3.87 49.18
C ALA A 96 -10.92 -3.07 50.48
N ALA A 97 -11.41 -3.60 51.60
CA ALA A 97 -11.19 -2.93 52.87
C ALA A 97 -9.71 -3.03 53.24
N GLY A 98 -9.10 -1.86 53.50
CA GLY A 98 -7.68 -1.73 53.83
C GLY A 98 -6.76 -2.14 52.69
N ARG A 99 -7.22 -1.97 51.44
CA ARG A 99 -6.45 -2.40 50.28
C ARG A 99 -6.77 -1.44 49.15
N PRO A 100 -5.78 -0.65 48.65
CA PRO A 100 -6.02 0.30 47.55
C PRO A 100 -6.18 -0.42 46.20
N GLY A 101 -6.95 0.18 45.29
CA GLY A 101 -7.25 -0.46 44.01
C GLY A 101 -7.14 0.48 42.79
N SER A 102 -6.34 1.56 42.83
CA SER A 102 -6.06 2.31 41.63
C SER A 102 -5.32 1.44 40.60
N GLU A 103 -5.39 1.83 39.32
CA GLU A 103 -4.68 1.13 38.25
C GLU A 103 -3.30 1.73 38.10
N HIS A 104 -3.22 3.06 37.86
CA HIS A 104 -1.95 3.75 37.84
C HIS A 104 -1.42 3.79 39.28
N THR A 105 -0.08 3.80 39.41
CA THR A 105 0.59 4.08 40.67
C THR A 105 1.52 5.29 40.49
N VAL A 106 1.89 5.96 41.60
CA VAL A 106 2.80 7.08 41.56
C VAL A 106 3.95 6.75 42.50
N GLU A 107 5.16 6.63 41.93
CA GLU A 107 6.36 6.16 42.63
C GLU A 107 6.03 4.95 43.48
N GLY A 108 5.24 4.02 42.96
CA GLY A 108 4.90 2.79 43.67
C GLY A 108 3.67 2.93 44.56
N HIS A 109 3.18 4.15 44.86
CA HIS A 109 2.00 4.29 45.71
C HIS A 109 0.73 4.00 44.91
N ARG A 110 -0.09 3.07 45.39
CA ARG A 110 -1.41 2.78 44.88
C ARG A 110 -2.45 3.57 45.70
N PHE A 111 -3.32 4.31 45.00
CA PHE A 111 -4.34 5.10 45.66
C PHE A 111 -5.58 4.23 45.89
N PRO A 112 -6.50 4.66 46.79
CA PRO A 112 -7.70 3.86 47.05
C PRO A 112 -8.50 3.46 45.80
N ALA A 113 -8.70 4.40 44.87
CA ALA A 113 -9.50 4.08 43.69
C ALA A 113 -9.11 5.00 42.53
N GLU A 114 -9.69 4.73 41.34
CA GLU A 114 -9.42 5.52 40.15
C GLU A 114 -10.67 5.64 39.27
N ILE A 115 -10.90 6.84 38.73
CA ILE A 115 -12.00 7.00 37.80
C ILE A 115 -11.42 7.13 36.40
N HIS A 116 -12.09 6.50 35.42
CA HIS A 116 -11.74 6.58 34.01
C HIS A 116 -12.91 7.10 33.19
N VAL A 117 -12.66 8.20 32.46
CA VAL A 117 -13.63 8.70 31.52
C VAL A 117 -13.11 8.42 30.12
N VAL A 118 -13.82 7.54 29.41
CA VAL A 118 -13.40 7.04 28.12
C VAL A 118 -14.03 7.86 27.00
N HIS A 119 -13.17 8.28 26.05
CA HIS A 119 -13.55 9.08 24.92
C HIS A 119 -13.11 8.51 23.57
N LEU A 120 -13.86 8.93 22.53
CA LEU A 120 -13.66 8.55 21.13
C LEU A 120 -13.26 9.78 20.35
N SER A 121 -12.17 9.70 19.58
CA SER A 121 -11.78 10.75 18.67
C SER A 121 -12.93 11.07 17.71
N THR A 122 -13.13 12.37 17.42
CA THR A 122 -14.13 12.81 16.47
C THR A 122 -13.72 12.43 15.07
N ALA A 123 -12.47 11.93 14.87
CA ALA A 123 -12.06 11.53 13.54
C ALA A 123 -12.52 10.12 13.21
N PHE A 124 -13.13 9.43 14.18
CA PHE A 124 -13.61 8.07 13.99
C PHE A 124 -15.10 8.02 14.40
N ALA A 125 -15.92 7.37 13.56
CA ALA A 125 -17.37 7.31 13.73
C ALA A 125 -17.73 6.22 14.72
N ARG A 126 -16.87 5.20 14.82
CA ARG A 126 -17.13 4.04 15.63
C ARG A 126 -15.92 3.71 16.49
N VAL A 127 -16.18 3.16 17.67
CA VAL A 127 -15.15 2.67 18.58
C VAL A 127 -14.33 1.59 17.89
N ASP A 128 -14.97 0.73 17.11
CA ASP A 128 -14.29 -0.45 16.58
C ASP A 128 -13.25 -0.04 15.54
N GLU A 129 -13.46 1.10 14.88
CA GLU A 129 -12.46 1.66 13.96
C GLU A 129 -11.29 2.29 14.70
N ALA A 130 -11.57 2.73 15.93
CA ALA A 130 -10.60 3.49 16.72
C ALA A 130 -9.65 2.56 17.48
N LEU A 131 -10.13 1.35 17.80
CA LEU A 131 -9.35 0.40 18.56
C LEU A 131 -8.08 0.07 17.79
N GLY A 132 -6.93 0.26 18.44
CA GLY A 132 -5.65 -0.10 17.87
C GLY A 132 -5.06 1.05 17.03
N ARG A 133 -5.80 2.13 16.82
CA ARG A 133 -5.29 3.24 16.04
C ARG A 133 -4.76 4.30 17.01
N PRO A 134 -3.67 5.00 16.67
CA PRO A 134 -3.07 5.98 17.60
C PRO A 134 -4.00 7.18 17.83
N GLY A 135 -4.27 7.44 19.11
CA GLY A 135 -5.15 8.52 19.50
C GLY A 135 -6.64 8.26 19.21
N GLY A 136 -7.02 7.06 18.78
CA GLY A 136 -8.42 6.76 18.50
C GLY A 136 -9.30 6.92 19.75
N LEU A 137 -8.84 6.35 20.87
CA LEU A 137 -9.45 6.52 22.17
C LEU A 137 -8.51 7.34 23.07
N ALA A 138 -9.11 8.15 23.94
CA ALA A 138 -8.45 8.86 25.03
C ALA A 138 -9.22 8.62 26.30
N VAL A 139 -8.48 8.34 27.38
CA VAL A 139 -9.05 8.18 28.69
C VAL A 139 -8.52 9.28 29.62
N LEU A 140 -9.46 9.94 30.34
CA LEU A 140 -9.09 10.84 31.44
C LEU A 140 -9.13 10.03 32.73
N ALA A 141 -8.04 10.06 33.51
CA ALA A 141 -7.92 9.24 34.72
C ALA A 141 -7.63 10.14 35.91
N ALA A 142 -8.36 9.94 37.03
CA ALA A 142 -8.06 10.66 38.28
C ALA A 142 -8.01 9.66 39.44
N PHE A 143 -7.06 9.86 40.35
CA PHE A 143 -6.97 9.11 41.59
C PHE A 143 -8.02 9.60 42.59
N LEU A 144 -8.67 8.66 43.26
CA LEU A 144 -9.58 8.95 44.36
C LEU A 144 -8.85 8.65 45.66
N GLU A 145 -8.86 9.58 46.63
CA GLU A 145 -8.20 9.40 47.93
C GLU A 145 -9.19 9.61 49.08
N GLU A 146 -8.79 9.23 50.29
CA GLU A 146 -9.62 9.47 51.47
C GLU A 146 -9.45 10.88 52.01
N GLY A 147 -10.54 11.63 52.13
CA GLY A 147 -10.52 12.90 52.83
C GLY A 147 -11.57 12.93 53.95
N PRO A 148 -11.64 14.02 54.73
CA PRO A 148 -12.57 14.09 55.86
C PRO A 148 -14.04 14.34 55.48
N GLU A 149 -14.29 15.03 54.35
CA GLU A 149 -15.64 15.41 53.95
C GLU A 149 -16.29 14.33 53.08
N GLU A 150 -17.62 14.30 53.11
CA GLU A 150 -18.38 13.55 52.13
C GLU A 150 -18.36 14.31 50.79
N ASN A 151 -18.15 13.56 49.69
CA ASN A 151 -18.08 14.12 48.35
C ASN A 151 -19.46 14.06 47.71
N SER A 152 -20.04 15.24 47.47
CA SER A 152 -21.40 15.37 46.91
C SER A 152 -21.51 14.74 45.52
N ALA A 153 -20.53 15.02 44.65
CA ALA A 153 -20.55 14.53 43.28
C ALA A 153 -20.60 13.01 43.27
N TYR A 154 -19.69 12.38 44.03
CA TYR A 154 -19.61 10.93 44.02
C TYR A 154 -20.80 10.29 44.73
N GLU A 155 -21.44 11.03 45.65
CA GLU A 155 -22.58 10.50 46.38
C GLU A 155 -23.71 10.12 45.42
N GLN A 156 -23.93 10.99 44.40
CA GLN A 156 -24.93 10.72 43.39
C GLN A 156 -24.77 9.31 42.82
N LEU A 157 -23.54 8.83 42.66
CA LEU A 157 -23.32 7.51 42.07
C LEU A 157 -23.30 6.45 43.16
N LEU A 158 -22.60 6.74 44.28
CA LEU A 158 -22.39 5.73 45.32
C LEU A 158 -23.72 5.32 46.00
N SER A 159 -24.58 6.31 46.24
CA SER A 159 -25.88 6.06 46.84
C SER A 159 -26.75 5.15 45.97
N ARG A 160 -26.33 4.82 44.74
CA ARG A 160 -27.17 4.05 43.83
C ARG A 160 -26.67 2.63 43.65
N LEU A 161 -25.56 2.29 44.30
CA LEU A 161 -24.88 1.04 44.01
C LEU A 161 -25.65 -0.17 44.54
N GLU A 162 -26.37 0.00 45.66
CA GLU A 162 -26.98 -1.15 46.32
C GLU A 162 -28.12 -1.67 45.45
N GLU A 163 -28.80 -0.77 44.74
CA GLU A 163 -29.79 -1.14 43.74
C GLU A 163 -29.19 -1.98 42.61
N ILE A 164 -27.87 -1.99 42.41
CA ILE A 164 -27.29 -2.74 41.29
C ILE A 164 -26.21 -3.68 41.81
N ALA A 165 -26.40 -4.23 43.02
CA ALA A 165 -25.36 -5.03 43.64
C ALA A 165 -25.13 -6.31 42.86
N GLU A 166 -26.13 -6.72 42.08
CA GLU A 166 -26.09 -8.01 41.40
C GLU A 166 -25.45 -7.89 40.01
N GLU A 167 -24.43 -8.73 39.77
CA GLU A 167 -23.83 -8.88 38.47
C GLU A 167 -24.90 -8.81 37.39
N GLY A 168 -24.78 -7.83 36.48
CA GLY A 168 -25.66 -7.73 35.33
C GLY A 168 -26.83 -6.78 35.56
N SER A 169 -27.05 -6.33 36.80
CA SER A 169 -28.16 -5.43 37.06
C SER A 169 -27.79 -4.01 36.64
N GLU A 170 -28.82 -3.19 36.44
CA GLU A 170 -28.65 -1.83 36.00
C GLU A 170 -29.78 -0.96 36.53
N THR A 171 -29.59 0.36 36.52
CA THR A 171 -30.59 1.31 36.97
C THR A 171 -30.38 2.60 36.20
N GLN A 172 -31.36 3.50 36.27
CA GLN A 172 -31.30 4.80 35.64
C GLN A 172 -31.03 5.84 36.72
N VAL A 173 -30.11 6.79 36.44
CA VAL A 173 -29.78 7.81 37.43
C VAL A 173 -30.03 9.16 36.80
N PRO A 174 -30.36 10.19 37.62
CA PRO A 174 -30.46 11.56 37.14
C PRO A 174 -29.12 11.99 36.55
N GLY A 175 -29.22 12.85 35.54
CA GLY A 175 -28.08 13.58 35.03
C GLY A 175 -27.37 14.34 36.14
N LEU A 176 -26.05 14.43 35.96
CA LEU A 176 -25.14 15.04 36.93
C LEU A 176 -24.00 15.71 36.17
N ASP A 177 -23.29 16.59 36.89
CA ASP A 177 -22.14 17.28 36.36
C ASP A 177 -20.93 16.34 36.45
N ILE A 178 -20.62 15.71 35.33
CA ILE A 178 -19.54 14.73 35.25
C ILE A 178 -18.21 15.39 35.58
N SER A 179 -18.04 16.66 35.19
CA SER A 179 -16.80 17.39 35.45
C SER A 179 -16.54 17.59 36.93
N ALA A 180 -17.60 17.56 37.75
CA ALA A 180 -17.48 17.69 39.20
C ALA A 180 -16.81 16.48 39.82
N LEU A 181 -16.74 15.35 39.09
CA LEU A 181 -16.03 14.16 39.56
C LEU A 181 -14.51 14.22 39.39
N LEU A 182 -14.01 15.29 38.74
CA LEU A 182 -12.61 15.39 38.37
C LEU A 182 -11.88 16.42 39.23
N PRO A 183 -10.52 16.38 39.28
CA PRO A 183 -9.74 17.30 40.12
C PRO A 183 -9.81 18.78 39.72
N SER A 184 -9.24 19.68 40.54
CA SER A 184 -9.47 21.10 40.35
C SER A 184 -8.71 21.71 39.19
N ASP A 185 -7.44 21.33 38.94
CA ASP A 185 -6.61 22.05 38.00
C ASP A 185 -6.43 21.26 36.70
N PHE A 186 -7.14 21.69 35.64
CA PHE A 186 -7.09 21.01 34.37
C PHE A 186 -5.77 21.30 33.62
N SER A 187 -4.82 22.05 34.22
CA SER A 187 -3.57 22.40 33.55
C SER A 187 -2.41 21.48 33.97
N ARG A 188 -2.68 20.55 34.90
CA ARG A 188 -1.67 19.77 35.58
C ARG A 188 -1.99 18.29 35.43
N TYR A 189 -1.29 17.63 34.50
CA TYR A 189 -1.50 16.21 34.25
C TYR A 189 -0.23 15.57 33.65
N PHE A 190 -0.18 14.24 33.73
CA PHE A 190 0.71 13.40 32.95
C PHE A 190 -0.03 12.79 31.75
N GLN A 191 0.72 12.40 30.70
CA GLN A 191 0.14 11.85 29.49
C GLN A 191 1.11 10.89 28.81
N TYR A 192 0.59 9.78 28.31
CA TYR A 192 1.39 8.79 27.59
C TYR A 192 0.40 7.98 26.75
N GLU A 193 0.95 7.20 25.86
CA GLU A 193 0.19 6.31 25.00
C GLU A 193 0.39 4.87 25.47
N GLY A 194 -0.74 4.17 25.64
CA GLY A 194 -0.78 2.81 26.12
C GLY A 194 -2.01 2.09 25.57
N SER A 195 -2.66 1.31 26.45
CA SER A 195 -3.64 0.33 26.04
C SER A 195 -4.87 0.41 26.94
N LEU A 196 -5.94 -0.25 26.48
CA LEU A 196 -7.01 -0.65 27.36
C LEU A 196 -6.42 -1.55 28.45
N THR A 197 -6.95 -1.48 29.69
CA THR A 197 -6.47 -2.32 30.78
C THR A 197 -7.32 -3.58 30.93
N THR A 198 -8.17 -3.86 29.94
CA THR A 198 -8.91 -5.12 29.88
C THR A 198 -8.82 -5.69 28.47
N PRO A 199 -8.97 -7.02 28.24
CA PRO A 199 -9.07 -7.56 26.87
C PRO A 199 -10.08 -6.72 26.13
N PRO A 200 -9.88 -6.30 24.86
CA PRO A 200 -8.75 -6.76 24.04
C PRO A 200 -7.37 -6.11 24.18
N CYS A 201 -7.18 -5.26 25.18
CA CYS A 201 -5.90 -4.64 25.47
C CYS A 201 -5.35 -3.86 24.27
N ALA A 202 -6.25 -3.28 23.45
CA ALA A 202 -5.84 -2.56 22.24
C ALA A 202 -4.88 -1.42 22.60
N GLN A 203 -3.86 -1.22 21.77
CA GLN A 203 -2.89 -0.13 21.93
C GLN A 203 -3.36 1.12 21.20
N GLY A 204 -2.60 2.22 21.35
CA GLY A 204 -2.91 3.49 20.72
C GLY A 204 -3.84 4.38 21.58
N VAL A 205 -4.11 4.04 22.86
CA VAL A 205 -4.96 4.82 23.78
C VAL A 205 -4.14 5.93 24.42
N ILE A 206 -4.58 7.20 24.28
CA ILE A 206 -3.93 8.29 25.00
C ILE A 206 -4.50 8.36 26.41
N TRP A 207 -3.61 8.12 27.39
CA TRP A 207 -3.92 8.25 28.80
C TRP A 207 -3.48 9.62 29.30
N THR A 208 -4.42 10.35 29.93
CA THR A 208 -4.12 11.59 30.62
C THR A 208 -4.45 11.39 32.10
N VAL A 209 -3.43 11.52 32.97
CA VAL A 209 -3.60 11.25 34.38
C VAL A 209 -3.41 12.55 35.16
N PHE A 210 -4.49 13.00 35.82
CA PHE A 210 -4.47 14.24 36.55
C PHE A 210 -3.42 14.11 37.65
N GLN A 211 -2.66 15.17 37.84
CA GLN A 211 -1.72 15.23 38.95
C GLN A 211 -2.40 15.31 40.31
N GLN A 212 -3.42 16.16 40.45
CA GLN A 212 -4.13 16.21 41.71
C GLN A 212 -5.21 15.13 41.82
N THR A 213 -5.58 14.86 43.06
CA THR A 213 -6.57 13.84 43.32
C THR A 213 -7.88 14.50 43.71
N VAL A 214 -8.88 13.63 43.80
CA VAL A 214 -10.20 13.92 44.31
C VAL A 214 -10.33 13.17 45.64
N MET A 215 -11.09 13.74 46.60
CA MET A 215 -11.27 13.13 47.93
C MET A 215 -12.70 12.65 48.15
N LEU A 216 -12.82 11.44 48.66
CA LEU A 216 -14.07 10.85 49.14
C LEU A 216 -13.89 10.53 50.62
N SER A 217 -15.00 10.35 51.36
CA SER A 217 -14.96 9.93 52.77
C SER A 217 -14.64 8.43 52.87
N ALA A 218 -14.25 7.97 54.06
CA ALA A 218 -13.95 6.56 54.28
C ALA A 218 -15.21 5.72 54.07
N LYS A 219 -16.37 6.29 54.39
CA LYS A 219 -17.63 5.59 54.22
C LYS A 219 -17.93 5.40 52.73
N GLN A 220 -17.74 6.47 51.95
CA GLN A 220 -17.92 6.39 50.50
C GLN A 220 -16.97 5.34 49.89
N LEU A 221 -15.72 5.35 50.34
CA LEU A 221 -14.78 4.40 49.79
C LEU A 221 -15.27 2.99 50.09
N HIS A 222 -15.78 2.78 51.32
CA HIS A 222 -16.34 1.50 51.73
C HIS A 222 -17.58 1.15 50.89
N THR A 223 -18.48 2.11 50.71
CA THR A 223 -19.61 1.90 49.82
C THR A 223 -19.13 1.41 48.45
N LEU A 224 -18.10 2.06 47.86
CA LEU A 224 -17.57 1.69 46.54
C LEU A 224 -17.06 0.25 46.50
N SER A 225 -16.29 -0.15 47.52
CA SER A 225 -15.56 -1.43 47.48
C SER A 225 -16.42 -2.58 47.99
N ASP A 226 -17.51 -2.30 48.71
CA ASP A 226 -18.13 -3.37 49.48
C ASP A 226 -19.53 -3.72 48.97
N THR A 227 -20.07 -2.99 48.00
CA THR A 227 -21.48 -3.12 47.67
C THR A 227 -21.74 -4.07 46.50
N LEU A 228 -20.78 -4.22 45.56
CA LEU A 228 -21.09 -4.86 44.29
C LEU A 228 -20.55 -6.28 44.30
N TRP A 229 -21.26 -7.17 43.59
CA TRP A 229 -20.94 -8.58 43.44
C TRP A 229 -20.54 -8.86 42.00
N GLY A 230 -19.52 -9.73 41.83
CA GLY A 230 -18.99 -10.09 40.52
C GLY A 230 -19.43 -11.48 40.08
N PRO A 231 -18.66 -12.15 39.18
CA PRO A 231 -18.94 -13.54 38.80
C PRO A 231 -18.79 -14.49 39.98
N GLY A 232 -19.42 -15.67 39.86
CA GLY A 232 -19.59 -16.60 40.99
C GLY A 232 -20.44 -15.96 42.08
N ASP A 233 -20.05 -16.18 43.35
CA ASP A 233 -20.61 -15.43 44.46
C ASP A 233 -19.50 -14.56 45.06
N SER A 234 -18.64 -14.01 44.18
CA SER A 234 -17.48 -13.21 44.57
C SER A 234 -17.86 -11.74 44.75
N ARG A 235 -17.18 -11.07 45.68
CA ARG A 235 -17.24 -9.62 45.79
C ARG A 235 -16.58 -9.01 44.55
N LEU A 236 -17.14 -7.90 44.04
CA LEU A 236 -16.48 -7.16 42.97
C LEU A 236 -15.48 -6.20 43.61
N GLN A 237 -14.22 -6.65 43.68
CA GLN A 237 -13.15 -5.92 44.37
C GLN A 237 -11.80 -6.15 43.68
N LEU A 238 -10.86 -5.20 43.93
CA LEU A 238 -9.52 -5.30 43.37
C LEU A 238 -9.57 -5.46 41.85
N ASN A 239 -10.42 -4.65 41.18
CA ASN A 239 -10.67 -4.76 39.75
C ASN A 239 -9.70 -3.85 39.01
N PHE A 240 -8.41 -4.16 39.19
CA PHE A 240 -7.32 -3.39 38.60
C PHE A 240 -6.28 -4.35 38.04
N ARG A 241 -5.67 -3.97 36.92
CA ARG A 241 -4.60 -4.75 36.32
C ARG A 241 -3.27 -4.38 36.97
N ALA A 242 -2.31 -5.31 36.92
CA ALA A 242 -0.94 -5.02 37.28
C ALA A 242 -0.29 -3.97 36.37
N THR A 243 0.68 -3.27 37.00
CA THR A 243 1.59 -2.29 36.43
C THR A 243 2.35 -2.91 35.26
N GLN A 244 2.45 -2.22 34.13
CA GLN A 244 3.14 -2.73 32.95
C GLN A 244 4.38 -1.88 32.68
N PRO A 245 5.43 -2.43 32.06
CA PRO A 245 6.62 -1.63 31.73
C PRO A 245 6.43 -0.58 30.65
N LEU A 246 7.14 0.53 30.81
CA LEU A 246 7.12 1.62 29.83
C LEU A 246 7.75 1.19 28.52
N ASN A 247 8.73 0.28 28.56
CA ASN A 247 9.44 -0.11 27.34
C ASN A 247 9.89 1.08 26.51
N GLY A 248 10.48 2.06 27.18
CA GLY A 248 11.08 3.15 26.46
C GLY A 248 10.15 4.33 26.25
N ARG A 249 8.83 4.16 26.46
CA ARG A 249 7.94 5.31 26.45
C ARG A 249 8.35 6.29 27.53
N VAL A 250 8.28 7.60 27.23
CA VAL A 250 8.52 8.62 28.23
C VAL A 250 7.19 9.29 28.59
N ILE A 251 6.87 9.34 29.89
CA ILE A 251 5.65 10.02 30.31
C ILE A 251 5.88 11.53 30.24
N GLU A 252 4.91 12.24 29.66
CA GLU A 252 5.00 13.69 29.60
C GLU A 252 4.23 14.30 30.77
N ALA A 253 4.65 15.52 31.11
CA ALA A 253 4.02 16.33 32.14
C ALA A 253 3.74 17.71 31.59
N SER A 254 2.60 18.27 32.00
CA SER A 254 2.14 19.59 31.56
C SER A 254 2.69 20.73 32.43
N PHE A 255 3.62 20.43 33.33
CA PHE A 255 4.10 21.38 34.32
C PHE A 255 5.54 21.02 34.68
N PRO A 256 6.38 22.03 35.03
CA PRO A 256 7.81 21.85 35.35
C PRO A 256 8.03 21.16 36.64
N SER B 18 -20.49 1.66 -12.65
CA SER B 18 -19.06 1.43 -13.04
C SER B 18 -19.00 0.71 -14.40
N PRO B 19 -18.53 1.39 -15.48
CA PRO B 19 -18.63 0.87 -16.85
C PRO B 19 -17.97 -0.50 -17.07
N ALA B 20 -16.85 -0.75 -16.38
CA ALA B 20 -16.06 -1.97 -16.54
C ALA B 20 -16.83 -3.22 -16.13
N CYS B 21 -17.93 -3.07 -15.35
CA CYS B 21 -18.77 -4.20 -14.96
C CYS B 21 -19.53 -4.75 -16.17
N ALA B 22 -19.38 -4.05 -17.29
CA ALA B 22 -19.93 -4.46 -18.58
C ALA B 22 -18.83 -4.85 -19.58
N GLY B 23 -17.62 -5.20 -19.09
CA GLY B 23 -16.57 -5.64 -19.99
C GLY B 23 -16.85 -7.07 -20.51
N ARG B 24 -16.10 -7.47 -21.53
CA ARG B 24 -16.30 -8.73 -22.20
C ARG B 24 -15.66 -9.88 -21.42
N PHE B 25 -14.64 -9.58 -20.59
CA PHE B 25 -13.81 -10.62 -20.00
C PHE B 25 -13.86 -10.55 -18.47
N GLN B 26 -15.02 -10.92 -17.93
CA GLN B 26 -15.36 -10.76 -16.54
C GLN B 26 -15.23 -12.10 -15.80
N SER B 27 -15.31 -12.01 -14.46
CA SER B 27 -15.28 -13.17 -13.58
C SER B 27 -16.53 -13.11 -12.70
N PRO B 28 -16.96 -14.20 -12.02
CA PRO B 28 -16.37 -15.53 -12.13
C PRO B 28 -16.86 -16.25 -13.39
N VAL B 29 -16.33 -17.45 -13.60
CA VAL B 29 -16.61 -18.25 -14.80
C VAL B 29 -16.90 -19.68 -14.36
N ASP B 30 -17.52 -20.45 -15.27
CA ASP B 30 -17.72 -21.88 -15.08
C ASP B 30 -16.50 -22.59 -15.65
N ILE B 31 -15.81 -23.35 -14.81
CA ILE B 31 -14.65 -24.08 -15.30
C ILE B 31 -15.14 -25.44 -15.83
N ARG B 32 -14.73 -25.79 -17.06
CA ARG B 32 -15.00 -27.09 -17.65
C ARG B 32 -13.69 -27.78 -17.91
N PRO B 33 -13.21 -28.67 -17.03
CA PRO B 33 -11.86 -29.20 -17.14
C PRO B 33 -11.51 -29.77 -18.51
N GLN B 34 -12.51 -30.28 -19.23
CA GLN B 34 -12.23 -30.94 -20.50
C GLN B 34 -11.89 -29.94 -21.58
N LEU B 35 -12.34 -28.67 -21.46
CA LEU B 35 -11.95 -27.63 -22.41
C LEU B 35 -10.69 -26.87 -21.95
N ALA B 36 -10.06 -27.27 -20.85
CA ALA B 36 -8.93 -26.51 -20.34
C ALA B 36 -7.67 -26.92 -21.10
N ALA B 37 -6.78 -25.98 -21.32
CA ALA B 37 -5.57 -26.29 -22.03
C ALA B 37 -4.49 -26.63 -21.02
N PHE B 38 -4.00 -27.86 -21.11
CA PHE B 38 -2.86 -28.31 -20.33
C PHE B 38 -1.67 -27.45 -20.71
N SER B 39 -1.02 -26.86 -19.69
CA SER B 39 0.03 -25.90 -19.94
C SER B 39 1.22 -26.16 -19.01
N PRO B 40 2.20 -26.98 -19.46
CA PRO B 40 3.30 -27.41 -18.60
C PRO B 40 4.21 -26.29 -18.08
N ALA B 41 4.12 -25.08 -18.64
CA ALA B 41 4.87 -23.95 -18.10
C ALA B 41 4.33 -23.47 -16.73
N LEU B 42 3.11 -23.88 -16.36
CA LEU B 42 2.49 -23.51 -15.09
C LEU B 42 3.08 -24.33 -13.95
N ARG B 43 3.97 -23.70 -13.20
CA ARG B 43 4.73 -24.33 -12.13
C ARG B 43 4.00 -24.18 -10.79
N PRO B 44 4.44 -24.93 -9.75
CA PRO B 44 3.83 -24.81 -8.42
C PRO B 44 3.93 -23.36 -7.91
N LEU B 45 2.81 -22.85 -7.42
CA LEU B 45 2.73 -21.58 -6.72
C LEU B 45 3.68 -21.58 -5.53
N GLU B 46 4.29 -20.42 -5.26
CA GLU B 46 5.19 -20.27 -4.12
C GLU B 46 4.77 -19.08 -3.27
N LEU B 47 4.65 -19.34 -1.95
CA LEU B 47 4.23 -18.34 -0.96
C LEU B 47 5.37 -18.16 0.04
N LEU B 48 5.70 -16.90 0.39
CA LEU B 48 6.68 -16.58 1.44
C LEU B 48 6.03 -15.60 2.40
N GLY B 49 6.20 -15.84 3.71
CA GLY B 49 5.77 -14.88 4.71
C GLY B 49 4.31 -15.08 5.15
N PHE B 50 3.68 -16.19 4.75
CA PHE B 50 2.26 -16.37 5.07
C PHE B 50 2.07 -16.92 6.49
N GLN B 51 3.13 -17.47 7.11
CA GLN B 51 3.01 -18.00 8.47
C GLN B 51 3.20 -16.87 9.48
N LEU B 52 2.11 -16.20 9.84
CA LEU B 52 2.23 -15.01 10.69
C LEU B 52 2.32 -15.39 12.16
N PRO B 53 3.08 -14.61 12.95
CA PRO B 53 2.98 -14.68 14.41
C PRO B 53 1.70 -14.04 14.97
N PRO B 54 1.36 -14.27 16.26
CA PRO B 54 0.18 -13.68 16.87
C PRO B 54 0.06 -12.15 16.80
N LEU B 55 1.19 -11.45 16.98
CA LEU B 55 1.19 -9.98 16.94
C LEU B 55 2.08 -9.55 15.78
N PRO B 56 1.75 -8.46 15.06
CA PRO B 56 0.55 -7.64 15.32
C PRO B 56 -0.78 -8.29 14.90
N GLU B 57 -1.88 -7.88 15.54
CA GLU B 57 -3.19 -8.38 15.13
C GLU B 57 -3.60 -7.82 13.77
N LEU B 58 -4.56 -8.47 13.13
CA LEU B 58 -5.10 -8.14 11.81
C LEU B 58 -6.54 -7.67 11.98
N ARG B 59 -7.02 -6.80 11.09
CA ARG B 59 -8.40 -6.35 11.17
C ARG B 59 -9.29 -7.29 10.35
N LEU B 60 -10.35 -7.76 11.01
CA LEU B 60 -11.39 -8.57 10.42
C LEU B 60 -12.68 -7.76 10.43
N ARG B 61 -13.22 -7.52 9.23
CA ARG B 61 -14.32 -6.57 9.04
C ARG B 61 -15.49 -7.22 8.28
N ASN B 62 -16.71 -6.98 8.78
CA ASN B 62 -17.94 -7.18 8.03
C ASN B 62 -18.24 -5.90 7.25
N ASN B 63 -17.97 -5.89 5.95
CA ASN B 63 -18.11 -4.67 5.17
C ASN B 63 -19.54 -4.58 4.61
N GLY B 64 -20.44 -5.48 5.03
CA GLY B 64 -21.81 -5.48 4.54
C GLY B 64 -22.00 -6.42 3.33
N HIS B 65 -20.91 -6.90 2.70
CA HIS B 65 -20.99 -7.67 1.46
C HIS B 65 -20.15 -8.94 1.55
N SER B 66 -19.09 -8.94 2.40
CA SER B 66 -18.33 -10.14 2.75
C SER B 66 -17.70 -9.94 4.14
N VAL B 67 -16.94 -10.93 4.60
CA VAL B 67 -16.01 -10.75 5.70
C VAL B 67 -14.63 -10.69 5.07
N GLN B 68 -13.88 -9.63 5.37
CA GLN B 68 -12.56 -9.39 4.80
C GLN B 68 -11.53 -9.35 5.93
N LEU B 69 -10.40 -9.99 5.70
CA LEU B 69 -9.26 -9.89 6.59
C LEU B 69 -8.15 -9.14 5.87
N THR B 70 -7.73 -7.99 6.45
CA THR B 70 -6.62 -7.20 5.92
C THR B 70 -5.31 -7.90 6.30
N LEU B 71 -4.46 -8.11 5.30
CA LEU B 71 -3.20 -8.81 5.52
C LEU B 71 -2.08 -7.78 5.63
N PRO B 72 -1.02 -8.10 6.38
CA PRO B 72 0.06 -7.13 6.61
C PRO B 72 1.03 -7.13 5.44
N PRO B 73 1.95 -6.15 5.34
CA PRO B 73 3.06 -6.24 4.39
C PRO B 73 3.91 -7.48 4.63
N GLY B 74 4.56 -7.92 3.58
CA GLY B 74 5.54 -8.98 3.68
C GLY B 74 5.03 -10.33 3.20
N LEU B 75 3.80 -10.43 2.65
CA LEU B 75 3.30 -11.71 2.14
C LEU B 75 3.53 -11.79 0.64
N GLU B 76 4.48 -12.62 0.21
CA GLU B 76 4.92 -12.64 -1.18
C GLU B 76 4.42 -13.92 -1.86
N MET B 77 3.99 -13.75 -3.11
CA MET B 77 3.40 -14.85 -3.88
C MET B 77 3.92 -14.75 -5.30
N ALA B 78 4.45 -15.87 -5.80
CA ALA B 78 4.91 -15.94 -7.18
C ALA B 78 4.05 -16.94 -7.98
N LEU B 79 3.53 -16.47 -9.12
CA LEU B 79 2.78 -17.34 -10.05
C LEU B 79 3.76 -18.08 -10.94
N GLY B 80 5.02 -17.65 -10.91
CA GLY B 80 6.06 -18.28 -11.70
C GLY B 80 7.25 -17.36 -11.70
N PRO B 81 8.38 -17.78 -12.27
CA PRO B 81 9.58 -16.94 -12.36
C PRO B 81 9.28 -15.59 -13.02
N GLY B 82 9.53 -14.50 -12.32
CA GLY B 82 9.25 -13.18 -12.85
C GLY B 82 7.80 -12.72 -12.67
N ARG B 83 6.92 -13.51 -12.03
CA ARG B 83 5.53 -13.11 -11.88
C ARG B 83 5.19 -13.01 -10.39
N GLU B 84 5.62 -11.88 -9.78
CA GLU B 84 5.67 -11.73 -8.32
C GLU B 84 4.60 -10.77 -7.83
N TYR B 85 3.98 -11.15 -6.70
CA TYR B 85 2.84 -10.42 -6.15
C TYR B 85 2.99 -10.28 -4.65
N ARG B 86 2.19 -9.38 -4.05
CA ARG B 86 2.10 -9.23 -2.60
C ARG B 86 0.64 -9.31 -2.18
N ALA B 87 0.35 -10.03 -1.08
CA ALA B 87 -1.00 -10.21 -0.61
C ALA B 87 -1.52 -8.93 0.07
N LEU B 88 -2.79 -8.57 -0.22
CA LEU B 88 -3.48 -7.40 0.33
C LEU B 88 -4.52 -7.75 1.37
N GLN B 89 -5.30 -8.78 1.06
CA GLN B 89 -6.42 -9.13 1.91
C GLN B 89 -7.01 -10.47 1.45
N LEU B 90 -7.86 -11.02 2.30
CA LEU B 90 -8.63 -12.18 1.91
C LEU B 90 -10.07 -11.95 2.32
N HIS B 91 -10.97 -12.66 1.62
CA HIS B 91 -12.39 -12.61 1.88
C HIS B 91 -13.05 -13.89 1.37
N LEU B 92 -14.35 -14.03 1.72
CA LEU B 92 -15.11 -15.25 1.48
C LEU B 92 -16.44 -14.98 0.78
N HIS B 93 -16.88 -16.00 0.04
CA HIS B 93 -18.20 -16.02 -0.56
C HIS B 93 -18.88 -17.31 -0.13
N TRP B 94 -20.17 -17.20 0.21
CA TRP B 94 -20.94 -18.30 0.76
C TRP B 94 -22.42 -18.20 0.38
N GLY B 95 -23.19 -19.23 0.73
CA GLY B 95 -24.59 -19.29 0.35
C GLY B 95 -25.54 -19.05 1.53
N ALA B 96 -26.39 -20.07 1.78
CA ALA B 96 -27.39 -20.07 2.84
C ALA B 96 -27.73 -21.52 3.18
N ALA B 97 -28.64 -21.73 4.14
CA ALA B 97 -29.01 -23.09 4.52
C ALA B 97 -29.46 -23.86 3.27
N GLY B 98 -28.73 -24.94 2.93
CA GLY B 98 -29.07 -25.83 1.83
C GLY B 98 -28.67 -25.34 0.43
N ARG B 99 -28.01 -24.19 0.30
CA ARG B 99 -27.76 -23.56 -1.00
C ARG B 99 -26.29 -23.15 -1.15
N PRO B 100 -25.58 -23.63 -2.18
CA PRO B 100 -24.16 -23.35 -2.29
C PRO B 100 -23.92 -21.89 -2.69
N GLY B 101 -22.71 -21.38 -2.46
CA GLY B 101 -22.49 -19.95 -2.67
C GLY B 101 -21.08 -19.62 -3.18
N SER B 102 -20.35 -20.63 -3.70
CA SER B 102 -19.09 -20.37 -4.39
C SER B 102 -19.33 -19.44 -5.58
N GLU B 103 -18.25 -18.78 -6.05
CA GLU B 103 -18.37 -17.87 -7.17
C GLU B 103 -18.07 -18.62 -8.47
N HIS B 104 -16.92 -19.26 -8.53
CA HIS B 104 -16.61 -20.17 -9.62
C HIS B 104 -17.50 -21.42 -9.50
N THR B 105 -17.74 -22.06 -10.65
CA THR B 105 -18.41 -23.36 -10.70
C THR B 105 -17.56 -24.28 -11.54
N VAL B 106 -17.69 -25.61 -11.31
CA VAL B 106 -16.99 -26.61 -12.10
C VAL B 106 -18.04 -27.51 -12.76
N GLU B 107 -18.12 -27.46 -14.11
CA GLU B 107 -19.11 -28.20 -14.90
C GLU B 107 -20.49 -27.91 -14.34
N GLY B 108 -20.71 -26.64 -13.97
CA GLY B 108 -21.98 -26.19 -13.47
C GLY B 108 -22.17 -26.46 -11.97
N HIS B 109 -21.26 -27.19 -11.33
CA HIS B 109 -21.46 -27.46 -9.90
C HIS B 109 -20.97 -26.26 -9.06
N ARG B 110 -21.86 -25.72 -8.21
CA ARG B 110 -21.55 -24.68 -7.24
C ARG B 110 -21.15 -25.32 -5.91
N PHE B 111 -20.01 -24.87 -5.34
CA PHE B 111 -19.54 -25.39 -4.07
C PHE B 111 -20.11 -24.55 -2.94
N PRO B 112 -20.12 -25.08 -1.69
CA PRO B 112 -20.70 -24.36 -0.55
C PRO B 112 -20.18 -22.92 -0.36
N ALA B 113 -18.85 -22.78 -0.43
CA ALA B 113 -18.23 -21.47 -0.27
C ALA B 113 -16.87 -21.40 -1.00
N GLU B 114 -16.25 -20.20 -0.98
CA GLU B 114 -14.98 -19.99 -1.68
C GLU B 114 -14.21 -18.88 -0.95
N ILE B 115 -12.89 -19.07 -0.89
CA ILE B 115 -11.99 -18.08 -0.37
C ILE B 115 -11.19 -17.45 -1.51
N HIS B 116 -11.03 -16.13 -1.41
CA HIS B 116 -10.23 -15.35 -2.31
C HIS B 116 -9.11 -14.61 -1.56
N VAL B 117 -7.85 -14.81 -1.97
CA VAL B 117 -6.73 -14.01 -1.51
C VAL B 117 -6.27 -13.09 -2.65
N VAL B 118 -6.49 -11.79 -2.46
CA VAL B 118 -6.20 -10.77 -3.45
C VAL B 118 -4.77 -10.23 -3.28
N HIS B 119 -4.08 -10.16 -4.40
CA HIS B 119 -2.68 -9.78 -4.48
C HIS B 119 -2.46 -8.66 -5.52
N LEU B 120 -1.44 -7.83 -5.27
CA LEU B 120 -1.02 -6.73 -6.15
C LEU B 120 0.35 -7.05 -6.73
N SER B 121 0.50 -6.85 -8.03
CA SER B 121 1.80 -7.04 -8.66
C SER B 121 2.82 -6.10 -8.02
N THR B 122 4.06 -6.58 -7.86
CA THR B 122 5.13 -5.79 -7.29
C THR B 122 5.54 -4.66 -8.22
N ALA B 123 5.02 -4.63 -9.48
CA ALA B 123 5.31 -3.53 -10.40
C ALA B 123 4.53 -2.27 -10.06
N PHE B 124 3.56 -2.40 -9.17
CA PHE B 124 2.68 -1.29 -8.83
C PHE B 124 2.71 -1.03 -7.31
N ALA B 125 2.62 0.26 -6.95
CA ALA B 125 2.67 0.66 -5.56
C ALA B 125 1.28 0.61 -4.99
N ARG B 126 0.27 0.84 -5.84
CA ARG B 126 -1.09 0.97 -5.34
C ARG B 126 -2.08 0.24 -6.24
N VAL B 127 -3.19 -0.16 -5.65
CA VAL B 127 -4.23 -0.85 -6.39
C VAL B 127 -4.76 0.02 -7.52
N ASP B 128 -4.97 1.33 -7.31
CA ASP B 128 -5.61 2.10 -8.36
C ASP B 128 -4.76 2.23 -9.63
N GLU B 129 -3.43 2.10 -9.55
CA GLU B 129 -2.56 2.06 -10.73
C GLU B 129 -2.61 0.69 -11.42
N ALA B 130 -2.93 -0.37 -10.68
CA ALA B 130 -2.95 -1.72 -11.24
C ALA B 130 -4.29 -2.06 -11.91
N LEU B 131 -5.38 -1.43 -11.50
CA LEU B 131 -6.71 -1.79 -11.97
C LEU B 131 -6.71 -1.68 -13.49
N GLY B 132 -7.25 -2.71 -14.17
CA GLY B 132 -7.37 -2.65 -15.62
C GLY B 132 -6.03 -2.97 -16.32
N ARG B 133 -4.92 -3.07 -15.59
CA ARG B 133 -3.64 -3.31 -16.24
C ARG B 133 -3.38 -4.81 -16.30
N PRO B 134 -2.72 -5.32 -17.35
CA PRO B 134 -2.51 -6.75 -17.50
C PRO B 134 -1.68 -7.34 -16.37
N GLY B 135 -2.30 -8.27 -15.62
CA GLY B 135 -1.64 -8.99 -14.53
C GLY B 135 -1.37 -8.11 -13.31
N GLY B 136 -2.05 -6.96 -13.26
CA GLY B 136 -1.84 -5.98 -12.20
C GLY B 136 -2.30 -6.53 -10.85
N LEU B 137 -3.40 -7.28 -10.85
CA LEU B 137 -3.85 -8.00 -9.65
C LEU B 137 -3.89 -9.50 -9.96
N ALA B 138 -3.71 -10.31 -8.91
CA ALA B 138 -3.86 -11.75 -8.96
C ALA B 138 -4.66 -12.22 -7.76
N VAL B 139 -5.64 -13.08 -8.00
CA VAL B 139 -6.47 -13.65 -6.95
C VAL B 139 -6.19 -15.16 -6.86
N LEU B 140 -5.97 -15.64 -5.62
CA LEU B 140 -5.87 -17.07 -5.34
C LEU B 140 -7.21 -17.52 -4.81
N ALA B 141 -7.78 -18.57 -5.40
CA ALA B 141 -9.15 -18.95 -5.11
C ALA B 141 -9.19 -20.45 -4.82
N ALA B 142 -9.95 -20.82 -3.78
CA ALA B 142 -10.15 -22.20 -3.39
C ALA B 142 -11.59 -22.39 -2.94
N PHE B 143 -12.12 -23.56 -3.32
CA PHE B 143 -13.47 -23.93 -2.91
C PHE B 143 -13.43 -24.47 -1.48
N LEU B 144 -14.49 -24.21 -0.74
CA LEU B 144 -14.69 -24.81 0.56
C LEU B 144 -15.85 -25.80 0.44
N GLU B 145 -15.63 -27.02 0.90
CA GLU B 145 -16.61 -28.09 0.86
C GLU B 145 -16.84 -28.65 2.26
N GLU B 146 -17.93 -29.41 2.42
CA GLU B 146 -18.30 -30.01 3.69
C GLU B 146 -17.49 -31.29 3.89
N GLY B 147 -16.77 -31.37 5.02
CA GLY B 147 -16.10 -32.57 5.45
C GLY B 147 -16.55 -32.98 6.85
N PRO B 148 -16.07 -34.13 7.36
CA PRO B 148 -16.47 -34.62 8.68
C PRO B 148 -15.72 -34.03 9.87
N GLU B 149 -14.56 -33.38 9.61
CA GLU B 149 -13.77 -32.78 10.67
C GLU B 149 -13.99 -31.27 10.75
N GLU B 150 -13.61 -30.72 11.91
CA GLU B 150 -13.46 -29.29 12.10
C GLU B 150 -12.12 -28.87 11.50
N ASN B 151 -12.16 -27.82 10.68
CA ASN B 151 -10.93 -27.22 10.19
C ASN B 151 -10.44 -26.23 11.23
N SER B 152 -9.28 -26.48 11.82
CA SER B 152 -8.89 -25.65 12.95
C SER B 152 -8.31 -24.32 12.47
N ALA B 153 -7.67 -24.30 11.29
CA ALA B 153 -7.15 -23.05 10.76
C ALA B 153 -8.32 -22.08 10.57
N TYR B 154 -9.48 -22.59 10.13
CA TYR B 154 -10.63 -21.77 9.84
C TYR B 154 -11.35 -21.40 11.14
N GLU B 155 -11.25 -22.24 12.18
CA GLU B 155 -11.93 -21.99 13.45
C GLU B 155 -11.48 -20.66 14.07
N GLN B 156 -10.21 -20.31 13.87
CA GLN B 156 -9.66 -19.03 14.31
C GLN B 156 -10.42 -17.82 13.77
N LEU B 157 -10.86 -17.84 12.51
CA LEU B 157 -11.67 -16.74 12.00
C LEU B 157 -13.15 -16.96 12.30
N LEU B 158 -13.65 -18.19 12.16
CA LEU B 158 -15.10 -18.41 12.28
C LEU B 158 -15.60 -18.10 13.70
N SER B 159 -14.78 -18.37 14.71
CA SER B 159 -15.13 -18.07 16.10
C SER B 159 -15.26 -16.56 16.37
N ARG B 160 -14.74 -15.71 15.46
CA ARG B 160 -14.75 -14.28 15.71
C ARG B 160 -15.89 -13.61 14.97
N LEU B 161 -16.64 -14.39 14.16
CA LEU B 161 -17.67 -13.81 13.33
C LEU B 161 -18.77 -13.18 14.17
N GLU B 162 -19.09 -13.77 15.34
CA GLU B 162 -20.19 -13.26 16.14
C GLU B 162 -19.91 -11.82 16.60
N GLU B 163 -18.64 -11.45 16.85
CA GLU B 163 -18.29 -10.10 17.23
C GLU B 163 -18.56 -9.09 16.11
N ILE B 164 -18.58 -9.52 14.84
CA ILE B 164 -18.76 -8.55 13.76
C ILE B 164 -20.08 -8.76 13.02
N ALA B 165 -21.09 -9.28 13.72
CA ALA B 165 -22.36 -9.61 13.09
C ALA B 165 -22.98 -8.37 12.48
N GLU B 166 -22.81 -7.23 13.15
CA GLU B 166 -23.36 -5.98 12.67
C GLU B 166 -22.69 -5.59 11.36
N GLU B 167 -23.47 -5.17 10.38
CA GLU B 167 -22.89 -4.64 9.16
C GLU B 167 -21.98 -3.44 9.47
N GLY B 168 -20.78 -3.44 8.89
CA GLY B 168 -19.87 -2.31 9.04
C GLY B 168 -19.03 -2.36 10.33
N SER B 169 -19.06 -3.48 11.02
CA SER B 169 -18.31 -3.66 12.25
C SER B 169 -16.99 -4.37 11.95
N GLU B 170 -16.02 -4.21 12.86
CA GLU B 170 -14.73 -4.88 12.73
C GLU B 170 -14.20 -5.29 14.10
N THR B 171 -13.18 -6.13 14.07
CA THR B 171 -12.52 -6.57 15.27
C THR B 171 -11.09 -6.96 14.89
N GLN B 172 -10.21 -6.98 15.90
CA GLN B 172 -8.82 -7.32 15.70
C GLN B 172 -8.65 -8.78 16.08
N VAL B 173 -7.92 -9.54 15.27
CA VAL B 173 -7.73 -10.96 15.54
C VAL B 173 -6.22 -11.24 15.47
N PRO B 174 -5.71 -12.26 16.21
CA PRO B 174 -4.30 -12.67 16.15
C PRO B 174 -3.89 -13.13 14.76
N GLY B 175 -2.65 -12.79 14.35
CA GLY B 175 -2.05 -13.39 13.18
C GLY B 175 -2.12 -14.93 13.24
N LEU B 176 -2.14 -15.55 12.05
CA LEU B 176 -2.31 -16.99 11.90
C LEU B 176 -1.61 -17.41 10.61
N ASP B 177 -1.49 -18.72 10.39
CA ASP B 177 -0.91 -19.23 9.16
C ASP B 177 -1.92 -19.06 8.03
N ILE B 178 -1.70 -18.06 7.16
CA ILE B 178 -2.69 -17.73 6.16
C ILE B 178 -2.74 -18.86 5.13
N SER B 179 -1.59 -19.46 4.88
CA SER B 179 -1.49 -20.49 3.86
C SER B 179 -2.23 -21.77 4.29
N ALA B 180 -2.57 -21.89 5.58
CA ALA B 180 -3.32 -23.05 6.05
C ALA B 180 -4.82 -22.86 5.82
N LEU B 181 -5.25 -21.71 5.28
CA LEU B 181 -6.63 -21.52 4.87
C LEU B 181 -6.82 -22.03 3.43
N LEU B 182 -5.72 -22.46 2.81
CA LEU B 182 -5.67 -22.86 1.41
C LEU B 182 -5.36 -24.35 1.32
N PRO B 183 -5.60 -24.98 0.16
CA PRO B 183 -5.21 -26.37 -0.04
C PRO B 183 -3.70 -26.57 0.13
N SER B 184 -3.33 -27.80 0.49
CA SER B 184 -1.92 -28.19 0.56
C SER B 184 -1.28 -28.36 -0.83
N ASP B 185 -2.08 -28.66 -1.87
CA ASP B 185 -1.55 -28.90 -3.21
C ASP B 185 -1.50 -27.61 -4.02
N PHE B 186 -0.27 -27.08 -4.21
CA PHE B 186 0.02 -25.81 -4.88
C PHE B 186 0.43 -26.04 -6.34
N SER B 187 0.32 -27.27 -6.83
CA SER B 187 0.87 -27.64 -8.14
C SER B 187 -0.24 -27.84 -9.18
N ARG B 188 -1.45 -28.11 -8.68
CA ARG B 188 -2.60 -28.45 -9.52
C ARG B 188 -3.66 -27.35 -9.44
N TYR B 189 -3.82 -26.60 -10.54
CA TYR B 189 -4.72 -25.45 -10.56
C TYR B 189 -5.12 -25.09 -11.98
N PHE B 190 -6.22 -24.35 -12.09
CA PHE B 190 -6.62 -23.68 -13.30
C PHE B 190 -6.19 -22.21 -13.23
N GLN B 191 -5.89 -21.58 -14.39
CA GLN B 191 -5.59 -20.16 -14.41
C GLN B 191 -6.21 -19.50 -15.63
N TYR B 192 -6.80 -18.30 -15.45
CA TYR B 192 -7.33 -17.55 -16.59
C TYR B 192 -7.32 -16.07 -16.27
N GLU B 193 -7.60 -15.24 -17.27
CA GLU B 193 -7.58 -13.80 -17.09
C GLU B 193 -9.01 -13.31 -17.05
N GLY B 194 -9.33 -12.53 -16.00
CA GLY B 194 -10.69 -12.05 -15.78
C GLY B 194 -10.73 -10.67 -15.13
N SER B 195 -11.67 -10.54 -14.18
CA SER B 195 -12.01 -9.28 -13.56
C SER B 195 -12.16 -9.42 -12.04
N LEU B 196 -12.20 -8.27 -11.35
CA LEU B 196 -12.81 -8.23 -10.03
C LEU B 196 -14.30 -8.51 -10.21
N THR B 197 -14.90 -9.08 -9.16
CA THR B 197 -16.30 -9.49 -9.20
C THR B 197 -17.14 -8.51 -8.39
N THR B 198 -16.56 -7.38 -8.03
CA THR B 198 -17.31 -6.30 -7.45
C THR B 198 -16.93 -5.02 -8.22
N PRO B 199 -17.78 -3.99 -8.29
CA PRO B 199 -17.37 -2.72 -8.90
C PRO B 199 -16.08 -2.26 -8.25
N PRO B 200 -15.10 -1.71 -9.00
CA PRO B 200 -15.26 -1.41 -10.42
C PRO B 200 -15.20 -2.51 -11.50
N CYS B 201 -15.02 -3.78 -11.14
CA CYS B 201 -15.03 -4.92 -12.08
C CYS B 201 -13.93 -4.79 -13.15
N ALA B 202 -12.79 -4.23 -12.75
CA ALA B 202 -11.67 -4.02 -13.66
C ALA B 202 -11.09 -5.34 -14.16
N GLN B 203 -10.66 -5.32 -15.44
CA GLN B 203 -10.12 -6.50 -16.14
C GLN B 203 -8.60 -6.57 -15.92
N GLY B 204 -7.97 -7.63 -16.45
CA GLY B 204 -6.53 -7.84 -16.35
C GLY B 204 -6.14 -8.61 -15.08
N VAL B 205 -7.13 -9.14 -14.35
CA VAL B 205 -6.88 -9.86 -13.12
C VAL B 205 -6.57 -11.31 -13.46
N ILE B 206 -5.45 -11.82 -12.94
CA ILE B 206 -5.12 -13.22 -13.11
C ILE B 206 -5.69 -14.04 -11.96
N TRP B 207 -6.63 -14.92 -12.32
CA TRP B 207 -7.26 -15.85 -11.40
C TRP B 207 -6.63 -17.23 -11.45
N THR B 208 -6.28 -17.74 -10.26
CA THR B 208 -5.73 -19.07 -10.10
C THR B 208 -6.71 -19.81 -9.20
N VAL B 209 -7.32 -20.91 -9.70
CA VAL B 209 -8.34 -21.66 -8.96
C VAL B 209 -7.76 -23.05 -8.69
N PHE B 210 -7.56 -23.36 -7.40
CA PHE B 210 -7.00 -24.64 -6.99
C PHE B 210 -7.94 -25.77 -7.39
N GLN B 211 -7.37 -26.92 -7.78
CA GLN B 211 -8.17 -28.12 -7.97
C GLN B 211 -8.60 -28.76 -6.65
N GLN B 212 -7.64 -28.97 -5.73
CA GLN B 212 -7.93 -29.48 -4.40
C GLN B 212 -8.82 -28.47 -3.67
N THR B 213 -9.81 -28.98 -2.92
CA THR B 213 -10.67 -28.14 -2.10
C THR B 213 -10.21 -28.22 -0.64
N VAL B 214 -10.84 -27.40 0.18
CA VAL B 214 -10.60 -27.33 1.61
C VAL B 214 -11.90 -27.75 2.27
N MET B 215 -11.80 -28.53 3.36
CA MET B 215 -12.99 -29.07 4.00
C MET B 215 -13.26 -28.35 5.32
N LEU B 216 -14.47 -27.81 5.44
CA LEU B 216 -14.99 -27.31 6.69
C LEU B 216 -16.06 -28.29 7.18
N SER B 217 -16.35 -28.26 8.49
CA SER B 217 -17.42 -29.05 9.10
C SER B 217 -18.73 -28.39 8.77
N ALA B 218 -19.82 -29.14 8.87
CA ALA B 218 -21.14 -28.64 8.50
C ALA B 218 -21.48 -27.43 9.37
N LYS B 219 -21.06 -27.49 10.65
CA LYS B 219 -21.36 -26.43 11.59
C LYS B 219 -20.55 -25.15 11.27
N GLN B 220 -19.27 -25.33 10.89
CA GLN B 220 -18.43 -24.24 10.40
C GLN B 220 -19.08 -23.54 9.20
N LEU B 221 -19.55 -24.35 8.23
CA LEU B 221 -20.20 -23.77 7.06
C LEU B 221 -21.43 -23.01 7.49
N HIS B 222 -22.13 -23.56 8.49
CA HIS B 222 -23.32 -22.93 9.05
C HIS B 222 -22.95 -21.62 9.78
N THR B 223 -21.86 -21.63 10.55
CA THR B 223 -21.42 -20.40 11.20
C THR B 223 -21.14 -19.33 10.13
N LEU B 224 -20.44 -19.74 9.05
CA LEU B 224 -20.02 -18.80 8.00
C LEU B 224 -21.22 -18.11 7.38
N SER B 225 -22.29 -18.88 7.11
CA SER B 225 -23.39 -18.38 6.31
C SER B 225 -24.51 -17.79 7.16
N ASP B 226 -24.47 -17.99 8.49
CA ASP B 226 -25.61 -17.66 9.32
C ASP B 226 -25.36 -16.54 10.33
N THR B 227 -24.14 -15.99 10.45
CA THR B 227 -23.82 -15.12 11.58
C THR B 227 -23.91 -13.64 11.17
N LEU B 228 -23.53 -13.29 9.93
CA LEU B 228 -23.29 -11.90 9.58
C LEU B 228 -24.54 -11.26 9.01
N TRP B 229 -24.74 -9.98 9.31
CA TRP B 229 -25.84 -9.19 8.79
C TRP B 229 -25.33 -8.15 7.80
N GLY B 230 -26.24 -7.71 6.92
CA GLY B 230 -25.91 -6.91 5.75
C GLY B 230 -26.79 -5.68 5.71
N PRO B 231 -26.91 -5.00 4.54
CA PRO B 231 -27.46 -3.65 4.47
C PRO B 231 -28.84 -3.40 5.08
N GLY B 232 -29.83 -4.22 4.70
CA GLY B 232 -31.18 -4.05 5.23
C GLY B 232 -31.26 -4.59 6.66
N ASP B 233 -32.42 -5.12 7.02
CA ASP B 233 -32.51 -5.99 8.18
C ASP B 233 -32.34 -7.43 7.68
N SER B 234 -31.26 -7.69 6.94
CA SER B 234 -31.10 -8.91 6.14
C SER B 234 -29.80 -9.62 6.48
N ARG B 235 -29.84 -10.96 6.53
CA ARG B 235 -28.64 -11.78 6.65
C ARG B 235 -27.72 -11.54 5.46
N LEU B 236 -26.41 -11.71 5.69
CA LEU B 236 -25.43 -11.61 4.64
C LEU B 236 -25.25 -13.03 4.09
N GLN B 237 -25.91 -13.29 2.96
CA GLN B 237 -25.94 -14.63 2.37
C GLN B 237 -25.96 -14.55 0.85
N LEU B 238 -25.54 -15.64 0.21
CA LEU B 238 -25.60 -15.74 -1.24
C LEU B 238 -24.83 -14.57 -1.85
N ASN B 239 -23.62 -14.28 -1.35
CA ASN B 239 -22.85 -13.11 -1.75
C ASN B 239 -21.87 -13.50 -2.86
N PHE B 240 -22.41 -13.96 -3.99
CA PHE B 240 -21.63 -14.37 -5.14
C PHE B 240 -22.23 -13.72 -6.39
N ARG B 241 -21.37 -13.40 -7.35
CA ARG B 241 -21.82 -12.88 -8.64
C ARG B 241 -22.14 -14.05 -9.56
N ALA B 242 -23.10 -13.84 -10.48
CA ALA B 242 -23.50 -14.84 -11.47
C ALA B 242 -22.33 -15.14 -12.40
N THR B 243 -22.17 -16.43 -12.71
CA THR B 243 -21.23 -16.88 -13.72
C THR B 243 -21.30 -15.98 -14.93
N GLN B 244 -20.15 -15.69 -15.52
CA GLN B 244 -20.02 -14.85 -16.70
C GLN B 244 -19.42 -15.70 -17.82
N PRO B 245 -19.78 -15.43 -19.10
CA PRO B 245 -19.23 -16.21 -20.22
C PRO B 245 -17.73 -16.00 -20.44
N LEU B 246 -17.04 -17.10 -20.77
CA LEU B 246 -15.67 -17.06 -21.19
C LEU B 246 -15.45 -16.15 -22.39
N ASN B 247 -16.40 -16.14 -23.33
CA ASN B 247 -16.30 -15.26 -24.48
C ASN B 247 -15.02 -15.46 -25.26
N GLY B 248 -14.57 -16.72 -25.37
CA GLY B 248 -13.43 -17.06 -26.20
C GLY B 248 -12.13 -17.24 -25.44
N ARG B 249 -12.09 -16.85 -24.15
CA ARG B 249 -10.91 -17.09 -23.35
C ARG B 249 -10.74 -18.60 -23.17
N VAL B 250 -9.52 -19.08 -23.11
CA VAL B 250 -9.23 -20.44 -22.71
C VAL B 250 -8.65 -20.51 -21.30
N ILE B 251 -9.21 -21.38 -20.46
CA ILE B 251 -8.68 -21.61 -19.13
C ILE B 251 -7.51 -22.56 -19.26
N GLU B 252 -6.37 -22.23 -18.63
CA GLU B 252 -5.23 -23.14 -18.60
C GLU B 252 -5.34 -24.04 -17.38
N ALA B 253 -4.73 -25.24 -17.47
CA ALA B 253 -4.60 -26.16 -16.36
C ALA B 253 -3.13 -26.50 -16.19
N SER B 254 -2.65 -26.57 -14.94
CA SER B 254 -1.24 -26.88 -14.66
C SER B 254 -0.99 -28.39 -14.72
N PHE B 255 -2.03 -29.19 -14.95
CA PHE B 255 -1.90 -30.64 -14.98
C PHE B 255 -2.71 -31.23 -16.15
N PRO B 256 -2.30 -32.42 -16.66
CA PRO B 256 -2.98 -33.06 -17.79
C PRO B 256 -4.30 -33.73 -17.40
N SER C 18 -11.39 21.42 -2.29
CA SER C 18 -11.39 20.55 -1.07
C SER C 18 -11.52 21.41 0.19
N PRO C 19 -12.53 21.11 1.04
CA PRO C 19 -12.85 21.98 2.17
C PRO C 19 -11.76 21.97 3.25
N ALA C 20 -11.01 20.86 3.33
CA ALA C 20 -9.93 20.76 4.30
C ALA C 20 -8.81 21.76 3.97
N CYS C 21 -8.75 22.28 2.71
CA CYS C 21 -7.77 23.31 2.38
C CYS C 21 -8.08 24.64 3.04
N ALA C 22 -9.21 24.69 3.76
CA ALA C 22 -9.62 25.86 4.51
C ALA C 22 -9.60 25.59 6.01
N GLY C 23 -8.94 24.51 6.44
CA GLY C 23 -8.87 24.17 7.85
C GLY C 23 -8.07 25.21 8.64
N ARG C 24 -8.22 25.17 9.96
CA ARG C 24 -7.54 26.11 10.83
C ARG C 24 -6.08 25.69 11.07
N PHE C 25 -5.75 24.41 10.90
CA PHE C 25 -4.42 23.87 11.27
C PHE C 25 -3.72 23.27 10.06
N GLN C 26 -3.24 24.16 9.17
CA GLN C 26 -2.67 23.79 7.90
C GLN C 26 -1.15 23.91 7.94
N SER C 27 -0.52 23.38 6.88
CA SER C 27 0.91 23.44 6.67
C SER C 27 1.13 24.02 5.28
N PRO C 28 2.34 24.54 4.98
CA PRO C 28 3.41 24.69 5.95
C PRO C 28 3.28 25.93 6.84
N VAL C 29 4.28 26.08 7.69
CA VAL C 29 4.29 27.14 8.69
C VAL C 29 5.68 27.78 8.73
N ASP C 30 5.68 28.97 9.31
CA ASP C 30 6.91 29.65 9.67
C ASP C 30 7.33 29.15 11.04
N ILE C 31 8.55 28.63 11.12
CA ILE C 31 9.04 28.13 12.38
C ILE C 31 9.84 29.24 13.06
N ARG C 32 9.43 29.58 14.29
CA ARG C 32 10.10 30.61 15.08
C ARG C 32 10.71 29.92 16.28
N PRO C 33 12.00 29.54 16.23
CA PRO C 33 12.56 28.64 17.23
C PRO C 33 12.46 29.16 18.66
N GLN C 34 12.42 30.49 18.80
CA GLN C 34 12.26 31.08 20.14
C GLN C 34 10.90 30.76 20.74
N LEU C 35 9.84 30.60 19.92
CA LEU C 35 8.53 30.25 20.40
C LEU C 35 8.34 28.73 20.41
N ALA C 36 9.34 27.95 19.99
CA ALA C 36 9.18 26.50 19.99
C ALA C 36 9.30 25.98 21.42
N ALA C 37 8.61 24.88 21.73
CA ALA C 37 8.62 24.32 23.07
C ALA C 37 9.63 23.17 23.10
N PHE C 38 10.58 23.24 24.03
CA PHE C 38 11.52 22.16 24.23
C PHE C 38 10.76 21.00 24.84
N SER C 39 10.80 19.83 24.19
CA SER C 39 10.20 18.62 24.75
C SER C 39 11.18 17.47 24.72
N PRO C 40 11.73 17.07 25.87
CA PRO C 40 12.68 15.96 25.88
C PRO C 40 12.11 14.57 25.65
N ALA C 41 10.78 14.43 25.52
CA ALA C 41 10.24 13.16 25.05
C ALA C 41 10.56 12.93 23.56
N LEU C 42 10.95 13.96 22.79
CA LEU C 42 11.29 13.80 21.38
C LEU C 42 12.70 13.19 21.24
N ARG C 43 12.74 11.88 21.00
CA ARG C 43 13.98 11.15 20.81
C ARG C 43 14.41 11.13 19.35
N PRO C 44 15.68 10.68 19.09
CA PRO C 44 16.18 10.57 17.73
C PRO C 44 15.26 9.71 16.86
N LEU C 45 14.98 10.18 15.65
CA LEU C 45 14.22 9.35 14.70
C LEU C 45 14.97 8.06 14.37
N GLU C 46 14.24 6.97 14.08
CA GLU C 46 14.88 5.71 13.71
C GLU C 46 14.28 5.23 12.38
N LEU C 47 15.19 4.90 11.45
CA LEU C 47 14.85 4.45 10.10
C LEU C 47 15.36 3.03 9.89
N LEU C 48 14.57 2.16 9.27
CA LEU C 48 15.02 0.80 9.02
C LEU C 48 14.65 0.46 7.59
N GLY C 49 15.58 -0.17 6.87
CA GLY C 49 15.33 -0.64 5.53
C GLY C 49 15.46 0.48 4.49
N PHE C 50 16.09 1.62 4.83
CA PHE C 50 16.19 2.71 3.86
C PHE C 50 17.34 2.50 2.86
N GLN C 51 18.26 1.56 3.17
CA GLN C 51 19.41 1.32 2.32
C GLN C 51 19.03 0.21 1.34
N LEU C 52 18.55 0.60 0.18
CA LEU C 52 17.99 -0.30 -0.81
C LEU C 52 19.06 -0.91 -1.72
N PRO C 53 18.82 -2.14 -2.21
CA PRO C 53 19.60 -2.70 -3.31
C PRO C 53 19.21 -1.96 -4.59
N PRO C 54 20.04 -2.03 -5.65
CA PRO C 54 19.79 -1.36 -6.92
C PRO C 54 18.59 -1.93 -7.67
N LEU C 55 18.28 -3.21 -7.44
CA LEU C 55 17.11 -3.85 -8.04
C LEU C 55 16.20 -4.38 -6.95
N PRO C 56 14.84 -4.24 -7.04
CA PRO C 56 14.15 -3.58 -8.16
C PRO C 56 14.33 -2.07 -8.20
N GLU C 57 14.16 -1.52 -9.40
CA GLU C 57 14.19 -0.09 -9.62
C GLU C 57 12.96 0.56 -9.03
N LEU C 58 13.01 1.86 -8.84
CA LEU C 58 11.91 2.67 -8.32
C LEU C 58 11.42 3.56 -9.45
N ARG C 59 10.21 4.09 -9.33
CA ARG C 59 9.66 4.99 -10.34
C ARG C 59 9.74 6.44 -9.89
N LEU C 60 10.36 7.24 -10.76
CA LEU C 60 10.56 8.67 -10.58
C LEU C 60 9.66 9.40 -11.56
N ARG C 61 8.75 10.24 -11.06
CA ARG C 61 7.71 10.79 -11.92
C ARG C 61 7.65 12.30 -11.82
N ASN C 62 7.58 12.98 -12.98
CA ASN C 62 7.15 14.37 -13.04
C ASN C 62 5.63 14.43 -13.10
N ASN C 63 4.98 14.76 -11.99
CA ASN C 63 3.53 14.73 -11.94
C ASN C 63 2.98 16.11 -12.31
N GLY C 64 3.83 17.01 -12.82
CA GLY C 64 3.37 18.34 -13.21
C GLY C 64 3.34 19.34 -12.06
N HIS C 65 3.44 18.85 -10.81
CA HIS C 65 3.43 19.72 -9.62
C HIS C 65 4.73 19.56 -8.82
N SER C 66 5.40 18.41 -8.96
CA SER C 66 6.63 18.08 -8.25
C SER C 66 7.28 16.89 -8.95
N VAL C 67 8.50 16.54 -8.50
CA VAL C 67 9.10 15.28 -8.89
C VAL C 67 8.96 14.34 -7.69
N GLN C 68 8.43 13.16 -7.94
CA GLN C 68 8.18 12.23 -6.86
C GLN C 68 8.82 10.88 -7.14
N LEU C 69 9.36 10.29 -6.08
CA LEU C 69 9.97 8.98 -6.11
C LEU C 69 9.10 8.06 -5.28
N THR C 70 8.50 7.06 -5.93
CA THR C 70 7.70 6.06 -5.22
C THR C 70 8.64 5.09 -4.53
N LEU C 71 8.37 4.80 -3.25
CA LEU C 71 9.24 3.96 -2.45
C LEU C 71 8.66 2.55 -2.33
N PRO C 72 9.51 1.52 -2.22
CA PRO C 72 9.05 0.14 -2.15
C PRO C 72 8.57 -0.20 -0.75
N PRO C 73 7.89 -1.34 -0.55
CA PRO C 73 7.58 -1.80 0.80
C PRO C 73 8.85 -2.00 1.62
N GLY C 74 8.75 -1.89 2.94
CA GLY C 74 9.77 -2.33 3.88
C GLY C 74 10.61 -1.19 4.44
N LEU C 75 10.26 0.08 4.16
CA LEU C 75 10.97 1.22 4.76
C LEU C 75 10.22 1.62 6.02
N GLU C 76 10.83 1.35 7.18
CA GLU C 76 10.11 1.55 8.43
C GLU C 76 10.74 2.75 9.15
N MET C 77 9.89 3.63 9.69
CA MET C 77 10.30 4.83 10.36
C MET C 77 9.55 4.93 11.68
N ALA C 78 10.28 5.26 12.75
CA ALA C 78 9.63 5.49 14.04
C ALA C 78 9.93 6.88 14.56
N LEU C 79 8.86 7.57 15.02
CA LEU C 79 8.99 8.86 15.67
C LEU C 79 9.34 8.72 17.14
N GLY C 80 9.17 7.50 17.62
CA GLY C 80 9.44 7.12 18.99
C GLY C 80 8.90 5.71 19.22
N PRO C 81 9.15 5.16 20.43
CA PRO C 81 8.63 3.85 20.82
C PRO C 81 7.11 3.80 20.67
N GLY C 82 6.65 2.83 19.88
CA GLY C 82 5.25 2.63 19.60
C GLY C 82 4.65 3.61 18.57
N ARG C 83 5.47 4.43 17.90
CA ARG C 83 4.99 5.41 16.93
C ARG C 83 5.59 5.06 15.55
N GLU C 84 5.03 4.02 14.89
CA GLU C 84 5.64 3.38 13.75
C GLU C 84 4.91 3.71 12.47
N TYR C 85 5.72 3.87 11.41
CA TYR C 85 5.29 4.30 10.08
C TYR C 85 6.00 3.48 8.99
N ARG C 86 5.38 3.46 7.79
CA ARG C 86 6.01 2.95 6.58
C ARG C 86 6.10 4.06 5.54
N ALA C 87 7.23 4.15 4.86
CA ALA C 87 7.43 5.21 3.90
C ALA C 87 6.70 4.82 2.60
N LEU C 88 6.04 5.80 1.97
CA LEU C 88 5.27 5.67 0.73
C LEU C 88 6.05 6.28 -0.44
N GLN C 89 6.51 7.52 -0.28
CA GLN C 89 7.12 8.28 -1.37
C GLN C 89 7.87 9.49 -0.81
N LEU C 90 8.68 10.09 -1.67
CA LEU C 90 9.31 11.37 -1.40
C LEU C 90 9.16 12.26 -2.64
N HIS C 91 9.21 13.57 -2.40
CA HIS C 91 9.11 14.55 -3.45
C HIS C 91 9.81 15.83 -2.97
N LEU C 92 9.96 16.77 -3.90
CA LEU C 92 10.74 17.97 -3.67
C LEU C 92 9.95 19.25 -3.94
N HIS C 93 10.29 20.31 -3.21
CA HIS C 93 9.77 21.63 -3.49
C HIS C 93 10.96 22.57 -3.68
N TRP C 94 10.84 23.50 -4.63
CA TRP C 94 11.97 24.29 -5.11
C TRP C 94 11.48 25.60 -5.72
N GLY C 95 12.44 26.50 -6.00
CA GLY C 95 12.11 27.85 -6.42
C GLY C 95 12.42 28.09 -7.91
N ALA C 96 13.34 29.04 -8.15
CA ALA C 96 13.73 29.49 -9.49
C ALA C 96 15.02 30.30 -9.37
N ALA C 97 15.67 30.62 -10.50
CA ALA C 97 16.96 31.32 -10.49
C ALA C 97 16.95 32.45 -9.44
N GLY C 98 17.88 32.39 -8.48
CA GLY C 98 17.95 33.37 -7.40
C GLY C 98 16.62 33.56 -6.65
N ARG C 99 15.76 32.53 -6.57
CA ARG C 99 14.54 32.62 -5.77
C ARG C 99 14.36 31.31 -4.99
N PRO C 100 14.32 31.38 -3.64
CA PRO C 100 14.14 30.17 -2.83
C PRO C 100 12.75 29.59 -2.96
N GLY C 101 12.61 28.27 -2.74
CA GLY C 101 11.32 27.60 -2.83
C GLY C 101 11.05 26.54 -1.75
N SER C 102 11.64 26.63 -0.54
CA SER C 102 11.20 25.72 0.50
C SER C 102 9.75 26.04 0.88
N GLU C 103 9.04 25.07 1.47
CA GLU C 103 7.69 25.29 1.95
C GLU C 103 7.73 25.89 3.34
N HIS C 104 8.45 25.23 4.25
CA HIS C 104 8.65 25.76 5.58
C HIS C 104 9.63 26.92 5.53
N THR C 105 9.48 27.86 6.48
CA THR C 105 10.43 28.94 6.65
C THR C 105 10.88 28.93 8.10
N VAL C 106 12.03 29.53 8.35
CA VAL C 106 12.53 29.70 9.70
C VAL C 106 12.80 31.19 9.90
N GLU C 107 12.05 31.83 10.83
CA GLU C 107 12.16 33.24 11.12
C GLU C 107 11.99 34.02 9.82
N GLY C 108 11.05 33.59 8.99
CA GLY C 108 10.76 34.25 7.73
C GLY C 108 11.76 33.91 6.62
N HIS C 109 12.84 33.17 6.89
CA HIS C 109 13.81 32.79 5.87
C HIS C 109 13.33 31.60 5.05
N ARG C 110 13.30 31.75 3.71
CA ARG C 110 12.98 30.64 2.81
C ARG C 110 14.27 30.06 2.25
N PHE C 111 14.43 28.73 2.37
CA PHE C 111 15.60 28.02 1.90
C PHE C 111 15.44 27.64 0.43
N PRO C 112 16.54 27.33 -0.29
CA PRO C 112 16.44 27.08 -1.73
C PRO C 112 15.44 25.99 -2.13
N ALA C 113 15.42 24.87 -1.38
CA ALA C 113 14.51 23.78 -1.69
C ALA C 113 14.22 22.93 -0.45
N GLU C 114 13.29 21.96 -0.57
CA GLU C 114 12.88 21.15 0.57
C GLU C 114 12.50 19.75 0.07
N ILE C 115 12.89 18.73 0.84
CA ILE C 115 12.49 17.36 0.56
C ILE C 115 11.48 16.92 1.59
N HIS C 116 10.45 16.19 1.13
CA HIS C 116 9.40 15.64 1.98
C HIS C 116 9.34 14.13 1.76
N VAL C 117 9.43 13.34 2.85
CA VAL C 117 9.27 11.89 2.80
C VAL C 117 8.01 11.56 3.58
N VAL C 118 7.00 11.06 2.86
CA VAL C 118 5.65 10.89 3.37
C VAL C 118 5.47 9.43 3.80
N HIS C 119 4.88 9.22 5.00
CA HIS C 119 4.77 7.92 5.61
C HIS C 119 3.33 7.67 6.06
N LEU C 120 2.98 6.38 6.19
CA LEU C 120 1.67 5.92 6.63
C LEU C 120 1.85 5.17 7.94
N SER C 121 1.04 5.51 8.97
CA SER C 121 0.98 4.78 10.22
C SER C 121 0.76 3.31 9.92
N THR C 122 1.46 2.47 10.68
CA THR C 122 1.27 1.04 10.57
C THR C 122 -0.09 0.59 11.04
N ALA C 123 -0.89 1.43 11.70
CA ALA C 123 -2.24 1.02 12.09
C ALA C 123 -3.23 1.03 10.90
N PHE C 124 -2.81 1.57 9.76
CA PHE C 124 -3.67 1.74 8.61
C PHE C 124 -3.07 1.02 7.41
N ALA C 125 -3.91 0.36 6.59
CA ALA C 125 -3.49 -0.37 5.40
C ALA C 125 -3.44 0.55 4.20
N ARG C 126 -4.21 1.63 4.20
CA ARG C 126 -4.27 2.52 3.07
C ARG C 126 -4.29 3.97 3.54
N VAL C 127 -3.77 4.84 2.68
CA VAL C 127 -3.81 6.27 2.88
C VAL C 127 -5.24 6.79 3.11
N ASP C 128 -6.20 6.33 2.32
CA ASP C 128 -7.52 6.89 2.43
C ASP C 128 -8.10 6.64 3.82
N GLU C 129 -7.75 5.54 4.51
CA GLU C 129 -8.22 5.37 5.88
C GLU C 129 -7.50 6.29 6.90
N ALA C 130 -6.29 6.74 6.58
CA ALA C 130 -5.45 7.54 7.47
C ALA C 130 -5.76 9.02 7.37
N LEU C 131 -6.28 9.46 6.21
CA LEU C 131 -6.49 10.88 5.92
C LEU C 131 -7.34 11.49 7.02
N GLY C 132 -6.91 12.62 7.57
CA GLY C 132 -7.66 13.27 8.63
C GLY C 132 -7.62 12.55 9.98
N ARG C 133 -7.04 11.35 10.11
CA ARG C 133 -7.00 10.70 11.42
C ARG C 133 -5.75 11.20 12.17
N PRO C 134 -5.76 11.35 13.52
CA PRO C 134 -4.60 11.87 14.27
C PRO C 134 -3.38 10.94 14.14
N GLY C 135 -2.31 11.52 13.57
CA GLY C 135 -1.05 10.79 13.44
C GLY C 135 -1.11 9.69 12.39
N GLY C 136 -2.13 9.75 11.53
CA GLY C 136 -2.29 8.76 10.47
C GLY C 136 -1.18 8.82 9.42
N LEU C 137 -0.78 10.05 9.09
CA LEU C 137 0.33 10.34 8.19
C LEU C 137 1.41 11.15 8.93
N ALA C 138 2.67 10.90 8.58
CA ALA C 138 3.82 11.60 9.10
C ALA C 138 4.75 11.96 7.94
N VAL C 139 5.22 13.21 7.93
CA VAL C 139 6.12 13.66 6.90
C VAL C 139 7.44 14.04 7.57
N LEU C 140 8.56 13.55 6.99
CA LEU C 140 9.91 14.02 7.32
C LEU C 140 10.35 15.07 6.31
N ALA C 141 10.74 16.27 6.81
CA ALA C 141 11.08 17.40 5.97
C ALA C 141 12.50 17.90 6.27
N ALA C 142 13.29 18.17 5.21
CA ALA C 142 14.62 18.77 5.39
C ALA C 142 14.81 19.85 4.34
N PHE C 143 15.50 20.93 4.74
CA PHE C 143 15.81 22.00 3.78
C PHE C 143 17.04 21.59 2.96
N LEU C 144 17.05 21.99 1.68
CA LEU C 144 18.18 21.81 0.82
C LEU C 144 18.86 23.18 0.61
N GLU C 145 20.18 23.26 0.85
CA GLU C 145 20.97 24.47 0.69
C GLU C 145 22.16 24.18 -0.23
N GLU C 146 22.84 25.24 -0.67
CA GLU C 146 24.02 25.13 -1.49
C GLU C 146 25.24 24.84 -0.62
N GLY C 147 25.94 23.77 -1.04
CA GLY C 147 27.26 23.45 -0.53
C GLY C 147 28.26 23.41 -1.69
N PRO C 148 29.56 23.20 -1.38
CA PRO C 148 30.62 23.16 -2.40
C PRO C 148 30.69 21.93 -3.28
N GLU C 149 30.13 20.81 -2.81
CA GLU C 149 30.36 19.52 -3.44
C GLU C 149 29.07 19.04 -4.08
N GLU C 150 29.22 18.25 -5.13
CA GLU C 150 28.12 17.53 -5.71
C GLU C 150 27.63 16.49 -4.71
N ASN C 151 26.32 16.46 -4.44
CA ASN C 151 25.75 15.51 -3.50
C ASN C 151 25.48 14.24 -4.29
N SER C 152 26.20 13.14 -4.02
CA SER C 152 26.09 11.99 -4.92
C SER C 152 24.74 11.26 -4.80
N ALA C 153 24.10 11.24 -3.62
CA ALA C 153 22.79 10.59 -3.55
C ALA C 153 21.80 11.38 -4.41
N TYR C 154 21.77 12.71 -4.24
CA TYR C 154 20.89 13.55 -5.04
C TYR C 154 21.19 13.40 -6.53
N GLU C 155 22.47 13.23 -6.90
CA GLU C 155 22.87 13.17 -8.31
C GLU C 155 22.13 12.03 -9.03
N GLN C 156 21.84 10.94 -8.32
CA GLN C 156 21.15 9.83 -8.93
C GLN C 156 19.74 10.19 -9.38
N LEU C 157 19.11 11.17 -8.70
CA LEU C 157 17.79 11.57 -9.11
C LEU C 157 17.92 12.72 -10.12
N LEU C 158 18.78 13.69 -9.78
CA LEU C 158 18.83 14.93 -10.55
C LEU C 158 19.32 14.66 -11.99
N SER C 159 20.20 13.68 -12.17
CA SER C 159 20.75 13.31 -13.47
C SER C 159 19.71 12.67 -14.37
N ARG C 160 18.51 12.39 -13.84
CA ARG C 160 17.45 11.76 -14.59
C ARG C 160 16.32 12.73 -14.88
N LEU C 161 16.40 13.99 -14.41
CA LEU C 161 15.29 14.90 -14.59
C LEU C 161 15.03 15.21 -16.06
N GLU C 162 16.09 15.25 -16.88
CA GLU C 162 15.97 15.58 -18.30
C GLU C 162 15.07 14.58 -19.03
N GLU C 163 15.13 13.30 -18.60
CA GLU C 163 14.33 12.19 -19.10
C GLU C 163 12.86 12.43 -18.81
N ILE C 164 12.55 13.16 -17.72
CA ILE C 164 11.17 13.40 -17.33
C ILE C 164 10.83 14.88 -17.37
N ALA C 165 11.44 15.62 -18.32
CA ALA C 165 11.15 17.05 -18.43
C ALA C 165 9.67 17.30 -18.68
N GLU C 166 9.04 16.48 -19.52
CA GLU C 166 7.61 16.64 -19.82
C GLU C 166 6.70 16.33 -18.62
N GLU C 167 5.66 17.15 -18.46
CA GLU C 167 4.60 16.91 -17.48
C GLU C 167 4.02 15.52 -17.67
N GLY C 168 3.81 14.78 -16.56
CA GLY C 168 3.24 13.44 -16.62
C GLY C 168 4.21 12.34 -17.07
N SER C 169 5.50 12.63 -17.24
CA SER C 169 6.45 11.63 -17.64
C SER C 169 7.07 10.92 -16.41
N GLU C 170 7.62 9.73 -16.63
CA GLU C 170 8.26 8.97 -15.56
C GLU C 170 9.41 8.13 -16.13
N THR C 171 10.31 7.71 -15.23
CA THR C 171 11.45 6.88 -15.59
C THR C 171 11.74 5.98 -14.38
N GLN C 172 12.45 4.89 -14.63
CA GLN C 172 12.86 4.00 -13.56
C GLN C 172 14.29 4.36 -13.14
N VAL C 173 14.55 4.35 -11.82
CA VAL C 173 15.89 4.55 -11.30
C VAL C 173 16.27 3.41 -10.36
N PRO C 174 17.56 3.05 -10.31
CA PRO C 174 18.06 2.07 -9.35
C PRO C 174 17.76 2.52 -7.93
N GLY C 175 17.47 1.57 -7.07
CA GLY C 175 17.43 1.81 -5.63
C GLY C 175 18.75 2.38 -5.13
N LEU C 176 18.62 3.19 -4.08
CA LEU C 176 19.75 3.89 -3.50
C LEU C 176 19.48 3.94 -2.01
N ASP C 177 20.46 4.44 -1.26
CA ASP C 177 20.27 4.74 0.15
C ASP C 177 19.38 5.97 0.29
N ILE C 178 18.10 5.75 0.56
CA ILE C 178 17.14 6.82 0.67
C ILE C 178 17.52 7.73 1.86
N SER C 179 18.10 7.14 2.93
CA SER C 179 18.48 7.93 4.10
C SER C 179 19.59 8.92 3.77
N ALA C 180 20.30 8.74 2.65
CA ALA C 180 21.35 9.67 2.26
C ALA C 180 20.78 10.91 1.60
N LEU C 181 19.47 10.98 1.33
CA LEU C 181 18.83 12.21 0.88
C LEU C 181 18.45 13.08 2.08
N LEU C 182 18.66 12.57 3.29
CA LEU C 182 18.27 13.28 4.50
C LEU C 182 19.53 13.71 5.24
N PRO C 183 19.43 14.65 6.20
CA PRO C 183 20.57 15.02 7.07
C PRO C 183 21.04 13.84 7.92
N SER C 184 22.31 13.84 8.30
CA SER C 184 22.77 12.74 9.16
C SER C 184 22.33 12.97 10.61
N ASP C 185 21.98 14.20 10.98
CA ASP C 185 21.56 14.42 12.37
C ASP C 185 20.04 14.18 12.52
N PHE C 186 19.69 13.03 13.12
CA PHE C 186 18.31 12.67 13.37
C PHE C 186 17.82 13.03 14.77
N SER C 187 18.60 13.83 15.55
CA SER C 187 18.34 14.04 16.95
C SER C 187 17.71 15.41 17.16
N ARG C 188 17.95 16.32 16.23
CA ARG C 188 17.59 17.71 16.37
C ARG C 188 16.57 18.11 15.30
N TYR C 189 15.32 18.37 15.74
CA TYR C 189 14.20 18.64 14.82
C TYR C 189 13.08 19.40 15.55
N PHE C 190 12.22 20.04 14.75
CA PHE C 190 10.97 20.62 15.16
C PHE C 190 9.87 19.63 14.79
N GLN C 191 8.81 19.59 15.60
CA GLN C 191 7.68 18.74 15.26
C GLN C 191 6.38 19.50 15.59
N TYR C 192 5.41 19.38 14.71
CA TYR C 192 4.10 19.99 14.94
C TYR C 192 3.05 19.19 14.18
N GLU C 193 1.79 19.46 14.50
CA GLU C 193 0.68 18.81 13.80
C GLU C 193 0.10 19.78 12.79
N GLY C 194 -0.09 19.28 11.53
CA GLY C 194 -0.58 20.10 10.44
C GLY C 194 -1.31 19.27 9.39
N SER C 195 -1.04 19.59 8.14
CA SER C 195 -1.87 19.15 7.03
C SER C 195 -0.99 18.77 5.85
N LEU C 196 -1.55 18.00 4.91
CA LEU C 196 -1.03 17.92 3.57
C LEU C 196 -1.13 19.33 2.98
N THR C 197 -0.22 19.63 2.06
CA THR C 197 -0.06 20.96 1.48
C THR C 197 -0.59 20.96 0.06
N THR C 198 -1.31 19.91 -0.30
CA THR C 198 -1.89 19.79 -1.61
C THR C 198 -3.29 19.26 -1.36
N PRO C 199 -4.32 19.59 -2.19
CA PRO C 199 -5.65 19.04 -1.98
C PRO C 199 -5.51 17.53 -1.83
N PRO C 200 -6.23 16.87 -0.91
CA PRO C 200 -7.19 17.51 0.01
C PRO C 200 -6.81 18.21 1.31
N CYS C 201 -5.54 18.57 1.50
CA CYS C 201 -5.05 19.27 2.70
C CYS C 201 -5.61 18.71 4.01
N ALA C 202 -5.73 17.39 4.11
CA ALA C 202 -6.27 16.78 5.31
C ALA C 202 -5.34 17.04 6.49
N GLN C 203 -5.95 17.25 7.67
CA GLN C 203 -5.23 17.53 8.91
C GLN C 203 -4.84 16.22 9.63
N GLY C 204 -4.18 16.38 10.77
CA GLY C 204 -3.72 15.27 11.58
C GLY C 204 -2.35 14.77 11.15
N VAL C 205 -1.67 15.50 10.26
CA VAL C 205 -0.38 15.04 9.75
C VAL C 205 0.70 15.47 10.74
N ILE C 206 1.55 14.53 11.19
CA ILE C 206 2.70 14.88 12.01
C ILE C 206 3.90 15.27 11.13
N TRP C 207 4.26 16.55 11.21
CA TRP C 207 5.37 17.13 10.47
C TRP C 207 6.59 17.16 11.36
N THR C 208 7.70 16.59 10.84
CA THR C 208 9.02 16.63 11.47
C THR C 208 9.97 17.37 10.53
N VAL C 209 10.55 18.49 11.00
CA VAL C 209 11.46 19.32 10.21
C VAL C 209 12.81 19.32 10.89
N PHE C 210 13.80 18.72 10.18
CA PHE C 210 15.18 18.66 10.67
C PHE C 210 15.81 20.05 10.83
N GLN C 211 16.63 20.20 11.87
CA GLN C 211 17.42 21.42 12.07
C GLN C 211 18.59 21.48 11.09
N GLN C 212 19.29 20.36 10.93
CA GLN C 212 20.39 20.31 9.98
C GLN C 212 19.85 20.25 8.56
N THR C 213 20.55 20.91 7.62
CA THR C 213 20.16 21.01 6.24
C THR C 213 21.02 20.06 5.42
N VAL C 214 20.56 19.79 4.19
CA VAL C 214 21.30 18.94 3.26
C VAL C 214 21.92 19.86 2.21
N MET C 215 23.12 19.51 1.73
CA MET C 215 23.88 20.37 0.81
C MET C 215 23.85 19.78 -0.62
N LEU C 216 23.44 20.61 -1.60
CA LEU C 216 23.55 20.32 -3.02
C LEU C 216 24.48 21.35 -3.66
N SER C 217 25.12 21.01 -4.79
CA SER C 217 25.95 21.98 -5.53
C SER C 217 25.05 23.03 -6.15
N ALA C 218 25.62 24.17 -6.52
CA ALA C 218 24.86 25.16 -7.27
C ALA C 218 24.29 24.53 -8.55
N LYS C 219 25.07 23.70 -9.21
CA LYS C 219 24.63 23.10 -10.47
C LYS C 219 23.40 22.20 -10.21
N GLN C 220 23.47 21.42 -9.13
CA GLN C 220 22.37 20.56 -8.74
C GLN C 220 21.12 21.37 -8.47
N LEU C 221 21.25 22.50 -7.75
CA LEU C 221 20.06 23.30 -7.47
C LEU C 221 19.53 23.89 -8.78
N HIS C 222 20.41 24.29 -9.71
CA HIS C 222 19.96 24.78 -11.00
C HIS C 222 19.27 23.67 -11.81
N THR C 223 19.81 22.44 -11.84
CA THR C 223 19.14 21.35 -12.53
C THR C 223 17.71 21.16 -12.02
N LEU C 224 17.56 21.21 -10.70
CA LEU C 224 16.28 20.94 -10.05
C LEU C 224 15.23 21.98 -10.47
N SER C 225 15.61 23.26 -10.52
CA SER C 225 14.68 24.39 -10.76
C SER C 225 14.47 24.69 -12.25
N ASP C 226 15.32 24.16 -13.11
CA ASP C 226 15.39 24.60 -14.50
C ASP C 226 15.08 23.49 -15.52
N THR C 227 14.78 22.25 -15.07
CA THR C 227 14.67 21.15 -16.00
C THR C 227 13.22 20.74 -16.30
N LEU C 228 12.30 20.82 -15.33
CA LEU C 228 11.02 20.14 -15.44
C LEU C 228 9.99 21.14 -15.93
N TRP C 229 9.02 20.65 -16.72
CA TRP C 229 7.90 21.45 -17.21
C TRP C 229 6.60 20.98 -16.58
N GLY C 230 5.68 21.94 -16.40
CA GLY C 230 4.43 21.69 -15.70
C GLY C 230 3.26 21.90 -16.66
N PRO C 231 2.05 22.20 -16.13
CA PRO C 231 0.86 22.39 -16.98
C PRO C 231 1.17 23.44 -18.06
N GLY C 232 1.02 23.04 -19.34
CA GLY C 232 0.88 23.97 -20.46
C GLY C 232 2.07 24.91 -20.68
N ASP C 233 3.20 24.36 -21.17
CA ASP C 233 4.35 25.12 -21.63
C ASP C 233 4.82 26.15 -20.59
N SER C 234 4.69 25.80 -19.29
CA SER C 234 5.24 26.58 -18.18
C SER C 234 6.27 25.74 -17.42
N ARG C 235 7.40 26.35 -17.06
CA ARG C 235 8.41 25.71 -16.25
C ARG C 235 7.84 25.36 -14.88
N LEU C 236 8.15 24.15 -14.38
CA LEU C 236 7.73 23.75 -13.04
C LEU C 236 8.76 24.31 -12.06
N GLN C 237 8.33 25.40 -11.41
CA GLN C 237 9.14 26.20 -10.50
C GLN C 237 8.23 26.77 -9.42
N LEU C 238 8.84 27.19 -8.29
CA LEU C 238 8.15 27.89 -7.21
C LEU C 238 6.94 27.09 -6.74
N ASN C 239 7.13 25.77 -6.66
CA ASN C 239 6.06 24.84 -6.37
C ASN C 239 5.93 24.64 -4.85
N PHE C 240 5.69 25.75 -4.12
CA PHE C 240 5.50 25.72 -2.67
C PHE C 240 4.24 26.48 -2.29
N ARG C 241 3.53 25.99 -1.27
CA ARG C 241 2.37 26.68 -0.72
C ARG C 241 2.85 27.81 0.20
N ALA C 242 2.10 28.92 0.19
CA ALA C 242 2.30 29.99 1.17
C ALA C 242 2.18 29.44 2.59
N THR C 243 2.97 30.06 3.46
CA THR C 243 2.95 29.88 4.91
C THR C 243 1.55 30.09 5.47
N GLN C 244 1.17 29.19 6.37
CA GLN C 244 -0.11 29.17 7.01
C GLN C 244 0.13 29.57 8.46
N PRO C 245 -0.84 30.26 9.11
CA PRO C 245 -0.70 30.64 10.52
C PRO C 245 -0.74 29.46 11.46
N LEU C 246 0.04 29.53 12.56
CA LEU C 246 0.00 28.47 13.55
C LEU C 246 -1.37 28.39 14.23
N ASN C 247 -2.03 29.56 14.40
CA ASN C 247 -3.38 29.60 14.93
C ASN C 247 -3.46 28.94 16.31
N GLY C 248 -2.44 29.18 17.13
CA GLY C 248 -2.39 28.74 18.51
C GLY C 248 -1.65 27.39 18.71
N ARG C 249 -1.35 26.66 17.65
CA ARG C 249 -0.53 25.47 17.79
C ARG C 249 0.86 25.88 18.28
N VAL C 250 1.50 25.00 19.05
CA VAL C 250 2.85 25.22 19.55
C VAL C 250 3.76 24.20 18.88
N ILE C 251 4.78 24.68 18.16
CA ILE C 251 5.81 23.82 17.55
C ILE C 251 6.71 23.31 18.66
N GLU C 252 6.97 22.00 18.68
CA GLU C 252 7.89 21.41 19.65
C GLU C 252 9.28 21.27 19.04
N ALA C 253 10.29 21.30 19.92
CA ALA C 253 11.67 21.10 19.51
C ALA C 253 12.24 20.02 20.37
N SER C 254 13.14 19.22 19.79
CA SER C 254 13.81 18.12 20.47
C SER C 254 15.08 18.58 21.21
N PHE C 255 15.31 19.89 21.30
CA PHE C 255 16.50 20.49 21.88
C PHE C 255 16.13 21.85 22.47
N PRO C 256 16.80 22.27 23.57
CA PRO C 256 16.52 23.59 24.16
C PRO C 256 17.12 24.78 23.35
N SER D 18 24.26 0.16 -16.71
CA SER D 18 23.05 0.44 -15.90
C SER D 18 22.51 -0.85 -15.27
N PRO D 19 22.24 -0.80 -13.94
CA PRO D 19 21.96 -1.99 -13.14
C PRO D 19 20.79 -2.86 -13.57
N ALA D 20 19.79 -2.24 -14.20
CA ALA D 20 18.65 -2.95 -14.77
C ALA D 20 19.10 -4.07 -15.72
N CYS D 21 20.19 -3.81 -16.47
CA CYS D 21 20.68 -4.78 -17.44
C CYS D 21 21.20 -6.05 -16.77
N ALA D 22 21.32 -6.06 -15.43
CA ALA D 22 21.75 -7.25 -14.70
C ALA D 22 20.59 -7.88 -13.97
N GLY D 23 19.36 -7.50 -14.37
CA GLY D 23 18.18 -8.18 -13.88
C GLY D 23 18.17 -9.66 -14.23
N ARG D 24 17.27 -10.39 -13.58
CA ARG D 24 17.21 -11.83 -13.63
C ARG D 24 16.43 -12.37 -14.85
N PHE D 25 15.69 -11.51 -15.57
CA PHE D 25 14.79 -12.00 -16.60
C PHE D 25 14.98 -11.16 -17.86
N GLN D 26 16.17 -11.31 -18.45
CA GLN D 26 16.57 -10.48 -19.56
C GLN D 26 16.37 -11.19 -20.91
N SER D 27 16.50 -10.38 -21.96
CA SER D 27 16.44 -10.79 -23.35
C SER D 27 17.70 -10.31 -24.05
N PRO D 28 18.15 -10.94 -25.16
CA PRO D 28 17.49 -12.09 -25.78
C PRO D 28 17.90 -13.38 -25.11
N VAL D 29 17.30 -14.49 -25.59
CA VAL D 29 17.53 -15.81 -25.04
C VAL D 29 17.77 -16.82 -26.17
N ASP D 30 18.32 -17.98 -25.77
CA ASP D 30 18.51 -19.13 -26.63
C ASP D 30 17.25 -19.96 -26.57
N ILE D 31 16.61 -20.14 -27.73
CA ILE D 31 15.38 -20.91 -27.79
C ILE D 31 15.76 -22.32 -28.11
N ARG D 32 15.35 -23.25 -27.26
CA ARG D 32 15.59 -24.66 -27.48
C ARG D 32 14.25 -25.34 -27.64
N PRO D 33 13.77 -25.56 -28.88
CA PRO D 33 12.40 -25.99 -29.13
C PRO D 33 11.91 -27.24 -28.41
N GLN D 34 12.84 -28.13 -28.02
CA GLN D 34 12.46 -29.38 -27.40
C GLN D 34 12.18 -29.20 -25.91
N LEU D 35 12.68 -28.11 -25.31
CA LEU D 35 12.36 -27.71 -23.95
C LEU D 35 11.28 -26.64 -23.90
N ALA D 36 10.77 -26.21 -25.05
CA ALA D 36 9.64 -25.30 -25.07
C ALA D 36 8.39 -26.05 -24.61
N ALA D 37 7.49 -25.37 -23.93
CA ALA D 37 6.23 -25.96 -23.48
C ALA D 37 5.12 -25.60 -24.47
N PHE D 38 4.45 -26.62 -25.01
CA PHE D 38 3.32 -26.43 -25.88
C PHE D 38 2.18 -25.90 -25.04
N SER D 39 1.71 -24.68 -25.29
CA SER D 39 0.50 -24.25 -24.63
C SER D 39 -0.58 -23.97 -25.66
N PRO D 40 -1.62 -24.82 -25.68
CA PRO D 40 -2.69 -24.68 -26.67
C PRO D 40 -3.50 -23.41 -26.56
N ALA D 41 -3.45 -22.72 -25.40
CA ALA D 41 -4.15 -21.46 -25.21
C ALA D 41 -3.63 -20.36 -26.13
N LEU D 42 -2.42 -20.50 -26.66
CA LEU D 42 -1.81 -19.47 -27.47
C LEU D 42 -2.48 -19.43 -28.84
N ARG D 43 -3.22 -18.36 -29.14
CA ARG D 43 -4.04 -18.28 -30.35
C ARG D 43 -3.24 -17.59 -31.44
N PRO D 44 -3.70 -17.59 -32.71
CA PRO D 44 -2.99 -16.87 -33.76
C PRO D 44 -2.99 -15.36 -33.48
N LEU D 45 -1.85 -14.72 -33.75
CA LEU D 45 -1.71 -13.27 -33.60
C LEU D 45 -2.69 -12.55 -34.51
N GLU D 46 -3.24 -11.40 -34.06
CA GLU D 46 -4.09 -10.59 -34.91
C GLU D 46 -3.42 -9.23 -35.11
N LEU D 47 -3.25 -8.81 -36.38
CA LEU D 47 -2.60 -7.56 -36.71
C LEU D 47 -3.50 -6.83 -37.70
N LEU D 48 -4.19 -5.78 -37.25
CA LEU D 48 -5.04 -4.95 -38.08
C LEU D 48 -4.44 -3.54 -38.24
N GLY D 49 -4.65 -2.98 -39.43
CA GLY D 49 -4.23 -1.62 -39.74
C GLY D 49 -2.78 -1.52 -40.19
N PHE D 50 -2.14 -2.65 -40.47
CA PHE D 50 -0.73 -2.67 -40.78
C PHE D 50 -0.48 -2.36 -42.26
N GLN D 51 -1.53 -2.37 -43.10
CA GLN D 51 -1.34 -2.18 -44.54
C GLN D 51 -1.42 -0.67 -44.81
N LEU D 52 -0.29 0.05 -44.65
CA LEU D 52 -0.35 1.51 -44.66
C LEU D 52 -0.50 2.05 -46.08
N PRO D 53 -1.24 3.16 -46.29
CA PRO D 53 -1.21 3.83 -47.59
C PRO D 53 0.13 4.53 -47.83
N PRO D 54 0.41 5.00 -49.06
CA PRO D 54 1.70 5.66 -49.36
C PRO D 54 1.94 6.98 -48.62
N LEU D 55 0.86 7.73 -48.38
CA LEU D 55 0.92 8.97 -47.60
C LEU D 55 0.00 8.84 -46.40
N PRO D 56 0.34 9.36 -45.20
CA PRO D 56 1.59 10.11 -44.96
C PRO D 56 2.84 9.25 -44.94
N GLU D 57 3.99 9.90 -45.12
CA GLU D 57 5.28 9.22 -45.13
C GLU D 57 5.69 8.91 -43.69
N LEU D 58 6.67 8.03 -43.54
CA LEU D 58 7.10 7.58 -42.23
C LEU D 58 8.57 7.96 -42.08
N ARG D 59 8.97 8.27 -40.85
CA ARG D 59 10.34 8.64 -40.52
C ARG D 59 11.19 7.38 -40.40
N LEU D 60 12.32 7.39 -41.10
CA LEU D 60 13.30 6.31 -40.98
C LEU D 60 14.63 6.95 -40.60
N ARG D 61 15.26 6.44 -39.54
CA ARG D 61 16.31 7.16 -38.85
C ARG D 61 17.48 6.21 -38.61
N ASN D 62 18.71 6.68 -38.86
CA ASN D 62 19.88 6.00 -38.30
C ASN D 62 20.17 6.69 -36.97
N ASN D 63 20.09 5.94 -35.86
CA ASN D 63 20.29 6.51 -34.53
C ASN D 63 21.69 6.15 -34.03
N GLY D 64 22.48 5.50 -34.88
CA GLY D 64 23.82 5.08 -34.53
C GLY D 64 23.86 3.69 -33.94
N HIS D 65 22.70 3.15 -33.55
CA HIS D 65 22.65 1.82 -32.95
C HIS D 65 21.81 0.85 -33.80
N SER D 66 20.84 1.39 -34.56
CA SER D 66 20.06 0.62 -35.52
C SER D 66 19.48 1.59 -36.54
N VAL D 67 18.69 1.03 -37.49
CA VAL D 67 17.76 1.82 -38.28
C VAL D 67 16.38 1.57 -37.72
N GLN D 68 15.63 2.66 -37.56
CA GLN D 68 14.39 2.67 -36.82
C GLN D 68 13.34 3.35 -37.66
N LEU D 69 12.21 2.66 -37.87
CA LEU D 69 11.05 3.19 -38.57
C LEU D 69 9.97 3.54 -37.56
N THR D 70 9.49 4.79 -37.59
CA THR D 70 8.42 5.23 -36.71
C THR D 70 7.11 4.85 -37.39
N LEU D 71 6.19 4.26 -36.62
CA LEU D 71 4.91 3.81 -37.14
C LEU D 71 3.83 4.78 -36.72
N PRO D 72 2.80 5.00 -37.56
CA PRO D 72 1.72 5.92 -37.21
C PRO D 72 0.73 5.27 -36.24
N PRO D 73 -0.26 6.01 -35.73
CA PRO D 73 -1.29 5.44 -34.88
C PRO D 73 -2.11 4.48 -35.75
N GLY D 74 -2.76 3.51 -35.12
CA GLY D 74 -3.79 2.69 -35.76
C GLY D 74 -3.29 1.30 -36.13
N LEU D 75 -2.03 0.93 -35.81
CA LEU D 75 -1.59 -0.45 -35.97
C LEU D 75 -1.95 -1.20 -34.69
N GLU D 76 -3.03 -2.00 -34.72
CA GLU D 76 -3.50 -2.75 -33.55
C GLU D 76 -3.11 -4.21 -33.65
N MET D 77 -2.69 -4.77 -32.49
CA MET D 77 -2.18 -6.13 -32.40
C MET D 77 -2.79 -6.78 -31.16
N ALA D 78 -3.18 -8.06 -31.25
CA ALA D 78 -3.67 -8.79 -30.08
C ALA D 78 -2.84 -10.05 -29.90
N LEU D 79 -2.36 -10.29 -28.66
CA LEU D 79 -1.72 -11.54 -28.28
C LEU D 79 -2.76 -12.59 -27.85
N GLY D 80 -3.97 -12.11 -27.59
CA GLY D 80 -5.00 -12.94 -27.03
C GLY D 80 -6.24 -12.09 -26.79
N PRO D 81 -7.36 -12.71 -26.37
CA PRO D 81 -8.59 -11.97 -26.14
C PRO D 81 -8.45 -10.89 -25.06
N GLY D 82 -8.66 -9.63 -25.45
CA GLY D 82 -8.61 -8.52 -24.52
C GLY D 82 -7.18 -8.07 -24.23
N ARG D 83 -6.19 -8.73 -24.83
CA ARG D 83 -4.78 -8.41 -24.62
C ARG D 83 -4.23 -7.71 -25.87
N GLU D 84 -4.52 -6.42 -25.97
CA GLU D 84 -4.29 -5.63 -27.15
C GLU D 84 -3.13 -4.65 -26.95
N TYR D 85 -2.56 -4.25 -28.11
CA TYR D 85 -1.33 -3.49 -28.28
C TYR D 85 -1.47 -2.58 -29.50
N ARG D 86 -0.72 -1.45 -29.51
CA ARG D 86 -0.58 -0.61 -30.70
C ARG D 86 0.90 -0.54 -31.04
N ALA D 87 1.25 -0.69 -32.33
CA ALA D 87 2.64 -0.70 -32.75
C ALA D 87 3.22 0.72 -32.66
N LEU D 88 4.48 0.82 -32.26
CA LEU D 88 5.18 2.09 -32.10
C LEU D 88 6.24 2.28 -33.17
N GLN D 89 7.06 1.25 -33.38
CA GLN D 89 8.20 1.36 -34.28
C GLN D 89 8.70 -0.03 -34.60
N LEU D 90 9.61 -0.11 -35.56
CA LEU D 90 10.37 -1.33 -35.77
C LEU D 90 11.82 -0.99 -36.07
N HIS D 91 12.72 -1.95 -35.81
CA HIS D 91 14.14 -1.75 -36.02
C HIS D 91 14.75 -3.12 -36.31
N LEU D 92 16.02 -3.13 -36.74
CA LEU D 92 16.70 -4.37 -37.08
C LEU D 92 18.00 -4.57 -36.29
N HIS D 93 18.39 -5.84 -36.17
CA HIS D 93 19.69 -6.26 -35.69
C HIS D 93 20.34 -7.16 -36.74
N TRP D 94 21.64 -6.96 -36.97
CA TRP D 94 22.36 -7.67 -38.02
C TRP D 94 23.84 -7.82 -37.68
N GLY D 95 24.56 -8.60 -38.50
CA GLY D 95 25.93 -8.96 -38.20
C GLY D 95 26.91 -8.14 -39.04
N ALA D 96 27.83 -8.84 -39.73
CA ALA D 96 28.70 -8.22 -40.72
C ALA D 96 29.14 -9.27 -41.74
N ALA D 97 29.99 -8.82 -42.67
CA ALA D 97 30.52 -9.67 -43.73
C ALA D 97 30.80 -11.07 -43.16
N GLY D 98 29.97 -12.04 -43.52
CA GLY D 98 30.19 -13.46 -43.21
C GLY D 98 29.82 -13.82 -41.78
N ARG D 99 29.17 -12.92 -41.04
CA ARG D 99 28.92 -13.15 -39.63
C ARG D 99 27.46 -12.79 -39.31
N PRO D 100 26.67 -13.75 -38.77
CA PRO D 100 25.26 -13.50 -38.47
C PRO D 100 25.10 -12.54 -37.28
N GLY D 101 23.93 -11.91 -37.16
CA GLY D 101 23.73 -10.88 -36.15
C GLY D 101 22.33 -10.87 -35.54
N SER D 102 21.62 -12.00 -35.57
CA SER D 102 20.34 -12.10 -34.90
C SER D 102 20.55 -11.98 -33.39
N GLU D 103 19.49 -11.61 -32.64
CA GLU D 103 19.58 -11.48 -31.19
C GLU D 103 19.23 -12.79 -30.52
N HIS D 104 18.00 -13.29 -30.80
CA HIS D 104 17.64 -14.62 -30.36
C HIS D 104 18.42 -15.63 -31.19
N THR D 105 18.56 -16.83 -30.62
CA THR D 105 19.22 -17.95 -31.26
C THR D 105 18.34 -19.17 -31.05
N VAL D 106 18.50 -20.19 -31.90
CA VAL D 106 17.77 -21.45 -31.77
C VAL D 106 18.81 -22.57 -31.69
N GLU D 107 18.73 -23.38 -30.64
CA GLU D 107 19.76 -24.35 -30.28
C GLU D 107 21.15 -23.84 -30.65
N GLY D 108 21.47 -22.59 -30.31
CA GLY D 108 22.82 -22.09 -30.52
C GLY D 108 23.03 -21.41 -31.87
N HIS D 109 22.13 -21.65 -32.84
CA HIS D 109 22.24 -21.03 -34.16
C HIS D 109 21.80 -19.55 -34.14
N ARG D 110 22.73 -18.69 -34.56
CA ARG D 110 22.46 -17.30 -34.85
C ARG D 110 22.12 -17.15 -36.32
N PHE D 111 21.09 -16.35 -36.61
CA PHE D 111 20.57 -16.17 -37.94
C PHE D 111 21.18 -14.89 -38.46
N PRO D 112 21.22 -14.68 -39.79
CA PRO D 112 21.83 -13.47 -40.32
C PRO D 112 21.33 -12.18 -39.67
N ALA D 113 20.01 -12.05 -39.46
CA ALA D 113 19.43 -10.81 -38.99
C ALA D 113 18.06 -11.05 -38.32
N GLU D 114 17.49 -10.00 -37.73
CA GLU D 114 16.29 -10.10 -36.90
C GLU D 114 15.55 -8.78 -36.96
N ILE D 115 14.24 -8.86 -37.14
CA ILE D 115 13.39 -7.66 -37.12
C ILE D 115 12.58 -7.65 -35.83
N HIS D 116 12.42 -6.46 -35.23
CA HIS D 116 11.69 -6.26 -33.99
C HIS D 116 10.60 -5.21 -34.24
N VAL D 117 9.35 -5.59 -33.93
CA VAL D 117 8.22 -4.68 -34.01
C VAL D 117 7.75 -4.47 -32.59
N VAL D 118 7.89 -3.23 -32.11
CA VAL D 118 7.70 -2.89 -30.71
C VAL D 118 6.34 -2.26 -30.52
N HIS D 119 5.58 -2.79 -29.53
CA HIS D 119 4.22 -2.36 -29.26
C HIS D 119 4.01 -1.96 -27.79
N LEU D 120 3.00 -1.09 -27.57
CA LEU D 120 2.55 -0.61 -26.28
C LEU D 120 1.18 -1.17 -25.96
N SER D 121 1.04 -1.82 -24.81
CA SER D 121 -0.27 -2.19 -24.29
C SER D 121 -1.22 -1.00 -24.31
N THR D 122 -2.46 -1.25 -24.76
CA THR D 122 -3.46 -0.22 -24.85
C THR D 122 -4.02 0.06 -23.47
N ALA D 123 -3.63 -0.72 -22.45
CA ALA D 123 -3.97 -0.37 -21.07
C ALA D 123 -3.08 0.75 -20.52
N PHE D 124 -2.03 1.15 -21.25
CA PHE D 124 -1.21 2.29 -20.85
C PHE D 124 -1.26 3.39 -21.92
N ALA D 125 -1.45 4.63 -21.51
CA ALA D 125 -1.42 5.76 -22.43
C ALA D 125 -0.01 6.06 -22.94
N ARG D 126 1.04 5.77 -22.15
CA ARG D 126 2.40 6.17 -22.51
C ARG D 126 3.39 5.02 -22.32
N VAL D 127 4.41 4.98 -23.17
CA VAL D 127 5.50 4.03 -23.02
C VAL D 127 6.11 4.09 -21.61
N ASP D 128 6.33 5.31 -21.07
CA ASP D 128 7.09 5.42 -19.81
C ASP D 128 6.33 4.76 -18.65
N GLU D 129 4.98 4.78 -18.69
CA GLU D 129 4.16 4.07 -17.73
C GLU D 129 4.28 2.54 -17.88
N ALA D 130 4.51 2.08 -19.11
CA ALA D 130 4.49 0.65 -19.37
C ALA D 130 5.83 -0.01 -19.05
N LEU D 131 6.93 0.74 -19.16
CA LEU D 131 8.27 0.20 -18.90
C LEU D 131 8.31 -0.40 -17.49
N GLY D 132 8.76 -1.67 -17.41
CA GLY D 132 8.89 -2.41 -16.17
C GLY D 132 7.61 -3.09 -15.73
N ARG D 133 6.46 -2.79 -16.37
CA ARG D 133 5.22 -3.40 -15.94
C ARG D 133 5.01 -4.67 -16.77
N PRO D 134 4.45 -5.75 -16.17
CA PRO D 134 4.20 -7.00 -16.92
C PRO D 134 3.22 -6.79 -18.08
N GLY D 135 3.70 -7.12 -19.29
CA GLY D 135 2.94 -7.05 -20.52
C GLY D 135 2.84 -5.62 -21.03
N GLY D 136 3.58 -4.70 -20.41
CA GLY D 136 3.45 -3.30 -20.75
C GLY D 136 3.78 -3.06 -22.22
N LEU D 137 4.87 -3.70 -22.63
CA LEU D 137 5.39 -3.71 -23.99
C LEU D 137 5.38 -5.15 -24.50
N ALA D 138 5.26 -5.26 -25.82
CA ALA D 138 5.27 -6.52 -26.55
C ALA D 138 6.02 -6.30 -27.87
N VAL D 139 6.93 -7.22 -28.15
CA VAL D 139 7.80 -7.20 -29.30
C VAL D 139 7.49 -8.45 -30.12
N LEU D 140 7.23 -8.20 -31.41
CA LEU D 140 7.17 -9.28 -32.41
C LEU D 140 8.53 -9.35 -33.08
N ALA D 141 9.10 -10.56 -33.04
CA ALA D 141 10.44 -10.78 -33.55
C ALA D 141 10.40 -11.85 -34.64
N ALA D 142 11.09 -11.58 -35.76
CA ALA D 142 11.28 -12.58 -36.83
C ALA D 142 12.74 -12.66 -37.27
N PHE D 143 13.20 -13.90 -37.48
CA PHE D 143 14.52 -14.14 -38.03
C PHE D 143 14.53 -13.84 -39.52
N LEU D 144 15.60 -13.19 -39.99
CA LEU D 144 15.85 -12.93 -41.39
C LEU D 144 17.00 -13.84 -41.84
N GLU D 145 16.72 -14.65 -42.87
CA GLU D 145 17.65 -15.62 -43.46
C GLU D 145 17.94 -15.31 -44.92
N GLU D 146 19.00 -15.95 -45.44
CA GLU D 146 19.36 -15.81 -46.85
C GLU D 146 18.47 -16.67 -47.74
N GLY D 147 17.85 -16.05 -48.75
CA GLY D 147 17.12 -16.82 -49.75
C GLY D 147 17.53 -16.49 -51.18
N PRO D 148 17.08 -17.30 -52.18
CA PRO D 148 17.33 -17.02 -53.59
C PRO D 148 16.91 -15.67 -54.14
N GLU D 149 15.80 -15.09 -53.66
CA GLU D 149 15.18 -13.97 -54.34
C GLU D 149 15.26 -12.68 -53.52
N GLU D 150 15.15 -11.57 -54.24
CA GLU D 150 15.00 -10.26 -53.66
C GLU D 150 13.63 -10.19 -52.98
N ASN D 151 13.65 -9.81 -51.68
CA ASN D 151 12.46 -9.56 -50.90
C ASN D 151 12.00 -8.14 -51.17
N SER D 152 10.82 -7.99 -51.74
CA SER D 152 10.42 -6.66 -52.19
C SER D 152 9.90 -5.82 -51.02
N ALA D 153 9.43 -6.45 -49.93
CA ALA D 153 8.94 -5.63 -48.82
C ALA D 153 10.13 -4.91 -48.17
N TYR D 154 11.23 -5.63 -47.99
CA TYR D 154 12.40 -5.11 -47.33
C TYR D 154 13.10 -4.10 -48.23
N GLU D 155 13.01 -4.32 -49.55
CA GLU D 155 13.67 -3.46 -50.52
C GLU D 155 13.22 -2.01 -50.31
N GLN D 156 11.95 -1.83 -49.95
CA GLN D 156 11.40 -0.54 -49.60
C GLN D 156 12.26 0.19 -48.56
N LEU D 157 12.83 -0.57 -47.62
CA LEU D 157 13.63 0.02 -46.57
C LEU D 157 15.12 -0.04 -46.94
N LEU D 158 15.54 -1.17 -47.50
CA LEU D 158 16.97 -1.35 -47.73
C LEU D 158 17.46 -0.36 -48.79
N SER D 159 16.58 -0.03 -49.74
CA SER D 159 16.93 0.88 -50.81
C SER D 159 17.20 2.28 -50.24
N ARG D 160 16.78 2.57 -49.00
CA ARG D 160 16.87 3.94 -48.52
C ARG D 160 17.99 4.09 -47.49
N LEU D 161 18.78 3.04 -47.23
CA LEU D 161 19.77 3.08 -46.17
C LEU D 161 20.93 4.01 -46.53
N GLU D 162 21.24 4.07 -47.83
CA GLU D 162 22.37 4.85 -48.30
C GLU D 162 22.14 6.32 -47.97
N GLU D 163 20.88 6.78 -48.06
CA GLU D 163 20.54 8.16 -47.76
C GLU D 163 20.73 8.52 -46.28
N ILE D 164 20.83 7.52 -45.39
CA ILE D 164 20.93 7.81 -43.97
C ILE D 164 22.15 7.12 -43.36
N ALA D 165 23.24 6.98 -44.14
CA ALA D 165 24.39 6.18 -43.72
C ALA D 165 25.10 6.82 -42.52
N GLU D 166 25.01 8.15 -42.43
CA GLU D 166 25.66 8.93 -41.39
C GLU D 166 24.84 8.84 -40.11
N GLU D 167 25.53 8.52 -39.00
CA GLU D 167 24.96 8.53 -37.66
C GLU D 167 24.05 9.76 -37.50
N GLY D 168 22.82 9.52 -37.02
CA GLY D 168 21.88 10.60 -36.69
C GLY D 168 21.15 11.18 -37.90
N SER D 169 21.36 10.63 -39.10
CA SER D 169 20.58 11.13 -40.24
C SER D 169 19.26 10.36 -40.34
N GLU D 170 18.26 11.01 -40.98
CA GLU D 170 16.93 10.45 -41.11
C GLU D 170 16.34 10.86 -42.45
N THR D 171 15.40 10.08 -42.96
CA THR D 171 14.68 10.42 -44.18
C THR D 171 13.21 10.03 -43.99
N GLN D 172 12.33 10.61 -44.80
CA GLN D 172 10.94 10.20 -44.91
C GLN D 172 10.80 9.14 -46.01
N VAL D 173 10.01 8.08 -45.73
CA VAL D 173 9.74 7.03 -46.70
C VAL D 173 8.22 6.88 -46.91
N PRO D 174 7.78 6.48 -48.11
CA PRO D 174 6.36 6.22 -48.36
C PRO D 174 5.82 5.15 -47.40
N GLY D 175 4.55 5.27 -47.02
CA GLY D 175 3.88 4.19 -46.32
C GLY D 175 4.01 2.87 -47.08
N LEU D 176 4.18 1.78 -46.30
CA LEU D 176 4.30 0.43 -46.80
C LEU D 176 3.45 -0.48 -45.93
N ASP D 177 3.34 -1.73 -46.40
CA ASP D 177 2.62 -2.76 -45.70
C ASP D 177 3.56 -3.40 -44.70
N ILE D 178 3.41 -3.03 -43.43
CA ILE D 178 4.33 -3.49 -42.40
C ILE D 178 4.16 -4.99 -42.21
N SER D 179 2.94 -5.53 -42.38
CA SER D 179 2.69 -6.96 -42.18
C SER D 179 3.43 -7.83 -43.21
N ALA D 180 3.75 -7.26 -44.37
CA ALA D 180 4.50 -7.95 -45.41
C ALA D 180 5.95 -8.24 -45.01
N LEU D 181 6.47 -7.61 -43.93
CA LEU D 181 7.82 -7.84 -43.46
C LEU D 181 7.91 -9.06 -42.56
N LEU D 182 6.77 -9.66 -42.25
CA LEU D 182 6.68 -10.69 -41.23
C LEU D 182 6.41 -12.06 -41.85
N PRO D 183 6.70 -13.16 -41.15
CA PRO D 183 6.52 -14.48 -41.72
C PRO D 183 5.08 -14.82 -42.10
N SER D 184 4.98 -15.97 -42.72
CA SER D 184 3.76 -16.42 -43.36
C SER D 184 2.71 -16.81 -42.34
N ASP D 185 3.08 -17.60 -41.33
CA ASP D 185 2.10 -18.21 -40.45
C ASP D 185 2.10 -17.56 -39.05
N PHE D 186 1.02 -16.85 -38.73
CA PHE D 186 0.84 -16.10 -37.49
C PHE D 186 0.36 -16.97 -36.33
N SER D 187 0.12 -18.28 -36.59
CA SER D 187 -0.31 -19.21 -35.56
C SER D 187 0.89 -19.93 -34.92
N ARG D 188 2.11 -19.72 -35.46
CA ARG D 188 3.26 -20.50 -35.05
C ARG D 188 4.40 -19.62 -34.50
N TYR D 189 4.60 -19.69 -33.18
CA TYR D 189 5.52 -18.79 -32.49
C TYR D 189 5.95 -19.36 -31.12
N PHE D 190 7.11 -18.85 -30.67
CA PHE D 190 7.55 -18.97 -29.30
C PHE D 190 7.20 -17.68 -28.53
N GLN D 191 6.94 -17.81 -27.21
CA GLN D 191 6.66 -16.65 -26.39
C GLN D 191 7.25 -16.79 -24.98
N TYR D 192 7.80 -15.70 -24.43
CA TYR D 192 8.29 -15.67 -23.05
C TYR D 192 8.36 -14.21 -22.59
N GLU D 193 8.60 -14.01 -21.29
CA GLU D 193 8.61 -12.68 -20.71
C GLU D 193 10.06 -12.31 -20.40
N GLY D 194 10.50 -11.17 -20.92
CA GLY D 194 11.89 -10.76 -20.77
C GLY D 194 12.00 -9.23 -20.75
N SER D 195 12.97 -8.70 -21.49
CA SER D 195 13.46 -7.34 -21.27
C SER D 195 13.69 -6.66 -22.60
N LEU D 196 13.83 -5.34 -22.59
CA LEU D 196 14.51 -4.66 -23.69
C LEU D 196 15.95 -5.21 -23.77
N THR D 197 16.54 -5.18 -24.99
CA THR D 197 17.86 -5.73 -25.23
C THR D 197 18.88 -4.61 -25.29
N THR D 198 18.44 -3.39 -25.01
CA THR D 198 19.28 -2.21 -24.94
C THR D 198 18.97 -1.50 -23.62
N PRO D 199 19.92 -0.75 -23.01
CA PRO D 199 19.57 0.09 -21.86
C PRO D 199 18.35 0.93 -22.20
N PRO D 200 17.34 1.09 -21.30
CA PRO D 200 17.44 0.71 -19.90
C PRO D 200 17.13 -0.72 -19.48
N CYS D 201 16.95 -1.63 -20.45
CA CYS D 201 16.83 -3.04 -20.13
C CYS D 201 15.64 -3.32 -19.21
N ALA D 202 14.55 -2.54 -19.37
CA ALA D 202 13.34 -2.76 -18.57
C ALA D 202 12.81 -4.16 -18.76
N GLN D 203 12.27 -4.76 -17.69
CA GLN D 203 11.66 -6.09 -17.74
C GLN D 203 10.15 -5.93 -17.94
N GLY D 204 9.46 -7.07 -17.97
CA GLY D 204 8.03 -7.18 -18.22
C GLY D 204 7.66 -7.19 -19.73
N VAL D 205 8.64 -7.28 -20.62
CA VAL D 205 8.42 -7.25 -22.07
C VAL D 205 7.98 -8.63 -22.56
N ILE D 206 6.80 -8.75 -23.19
CA ILE D 206 6.39 -10.03 -23.78
C ILE D 206 7.01 -10.17 -25.17
N TRP D 207 7.89 -11.19 -25.30
CA TRP D 207 8.55 -11.50 -26.57
C TRP D 207 7.80 -12.62 -27.29
N THR D 208 7.45 -12.38 -28.55
CA THR D 208 6.87 -13.38 -29.45
C THR D 208 7.82 -13.54 -30.63
N VAL D 209 8.44 -14.72 -30.74
CA VAL D 209 9.36 -15.01 -31.83
C VAL D 209 8.69 -16.01 -32.79
N PHE D 210 8.43 -15.56 -34.02
CA PHE D 210 7.84 -16.44 -35.03
C PHE D 210 8.70 -17.68 -35.25
N GLN D 211 8.07 -18.86 -35.36
CA GLN D 211 8.81 -20.05 -35.75
C GLN D 211 9.41 -19.93 -37.16
N GLN D 212 8.66 -19.37 -38.12
CA GLN D 212 9.15 -19.28 -39.49
C GLN D 212 9.95 -18.01 -39.71
N THR D 213 10.92 -18.13 -40.62
CA THR D 213 11.80 -17.02 -40.99
C THR D 213 11.27 -16.28 -42.22
N VAL D 214 11.89 -15.13 -42.49
CA VAL D 214 11.70 -14.38 -43.72
C VAL D 214 13.04 -14.40 -44.47
N MET D 215 12.97 -14.39 -45.81
CA MET D 215 14.14 -14.57 -46.67
C MET D 215 14.46 -13.28 -47.41
N LEU D 216 15.74 -12.89 -47.31
CA LEU D 216 16.33 -11.77 -48.05
C LEU D 216 17.45 -12.31 -48.94
N SER D 217 17.77 -11.57 -50.02
CA SER D 217 18.86 -11.96 -50.91
C SER D 217 20.19 -11.66 -50.24
N ALA D 218 21.24 -12.33 -50.70
CA ALA D 218 22.57 -12.07 -50.19
C ALA D 218 22.91 -10.59 -50.40
N LYS D 219 22.42 -10.01 -51.50
CA LYS D 219 22.74 -8.62 -51.77
C LYS D 219 22.07 -7.73 -50.71
N GLN D 220 20.84 -8.09 -50.32
CA GLN D 220 20.06 -7.32 -49.37
C GLN D 220 20.68 -7.33 -47.97
N LEU D 221 21.07 -8.50 -47.51
CA LEU D 221 21.76 -8.65 -46.24
C LEU D 221 23.09 -7.90 -46.23
N HIS D 222 23.77 -7.89 -47.39
CA HIS D 222 25.01 -7.15 -47.50
C HIS D 222 24.71 -5.66 -47.31
N THR D 223 23.71 -5.15 -48.03
CA THR D 223 23.30 -3.76 -47.90
C THR D 223 22.95 -3.42 -46.45
N LEU D 224 22.31 -4.38 -45.75
CA LEU D 224 21.85 -4.16 -44.39
C LEU D 224 23.06 -3.90 -43.50
N SER D 225 24.06 -4.78 -43.60
CA SER D 225 25.18 -4.78 -42.68
C SER D 225 26.29 -3.80 -43.10
N ASP D 226 26.23 -3.24 -44.31
CA ASP D 226 27.41 -2.61 -44.87
C ASP D 226 27.15 -1.14 -45.21
N THR D 227 25.93 -0.63 -45.05
CA THR D 227 25.63 0.72 -45.53
C THR D 227 25.72 1.74 -44.39
N LEU D 228 25.53 1.31 -43.13
CA LEU D 228 25.28 2.27 -42.06
C LEU D 228 26.55 2.52 -41.25
N TRP D 229 26.73 3.79 -40.87
CA TRP D 229 27.82 4.24 -40.00
C TRP D 229 27.23 4.61 -38.65
N GLY D 230 27.95 4.24 -37.58
CA GLY D 230 27.50 4.49 -36.22
C GLY D 230 28.47 5.35 -35.42
N PRO D 231 28.82 4.93 -34.18
CA PRO D 231 29.60 5.77 -33.27
C PRO D 231 31.09 5.80 -33.63
N GLY D 232 31.69 7.00 -33.54
CA GLY D 232 33.05 7.22 -34.00
C GLY D 232 33.05 7.48 -35.51
N ASP D 233 33.97 6.83 -36.23
CA ASP D 233 33.86 6.78 -37.68
C ASP D 233 33.63 5.33 -38.10
N SER D 234 32.83 4.62 -37.29
CA SER D 234 32.77 3.16 -37.28
C SER D 234 31.57 2.64 -38.07
N ARG D 235 31.71 1.45 -38.68
CA ARG D 235 30.60 0.79 -39.35
C ARG D 235 29.58 0.35 -38.30
N LEU D 236 28.29 0.47 -38.62
CA LEU D 236 27.25 -0.04 -37.73
C LEU D 236 26.96 -1.49 -38.10
N GLN D 237 27.43 -2.40 -37.24
CA GLN D 237 27.39 -3.84 -37.48
C GLN D 237 27.41 -4.58 -36.14
N LEU D 238 27.01 -5.85 -36.17
CA LEU D 238 27.05 -6.70 -34.99
C LEU D 238 26.31 -6.02 -33.83
N ASN D 239 25.11 -5.47 -34.11
CA ASN D 239 24.37 -4.65 -33.15
C ASN D 239 23.38 -5.53 -32.39
N PHE D 240 23.87 -6.63 -31.82
CA PHE D 240 23.02 -7.52 -31.06
C PHE D 240 23.60 -7.75 -29.66
N ARG D 241 22.73 -8.16 -28.74
CA ARG D 241 23.13 -8.44 -27.39
C ARG D 241 23.31 -9.95 -27.26
N ALA D 242 24.26 -10.35 -26.40
CA ALA D 242 24.45 -11.77 -26.10
C ALA D 242 23.21 -12.35 -25.43
N THR D 243 23.06 -13.65 -25.61
CA THR D 243 21.98 -14.44 -25.08
C THR D 243 22.09 -14.43 -23.56
N GLN D 244 20.93 -14.45 -22.87
CA GLN D 244 20.84 -14.28 -21.43
C GLN D 244 20.21 -15.54 -20.83
N PRO D 245 20.53 -15.90 -19.57
CA PRO D 245 19.96 -17.11 -18.96
C PRO D 245 18.47 -16.98 -18.69
N LEU D 246 17.76 -18.11 -18.85
CA LEU D 246 16.33 -18.18 -18.65
C LEU D 246 15.99 -17.99 -17.16
N ASN D 247 16.88 -18.46 -16.28
CA ASN D 247 16.70 -18.37 -14.84
C ASN D 247 15.34 -18.88 -14.43
N GLY D 248 14.96 -20.05 -14.96
CA GLY D 248 13.76 -20.77 -14.58
C GLY D 248 12.56 -20.48 -15.49
N ARG D 249 12.63 -19.41 -16.29
CA ARG D 249 11.60 -19.14 -17.28
C ARG D 249 11.49 -20.31 -18.25
N VAL D 250 10.26 -20.78 -18.51
CA VAL D 250 10.00 -21.79 -19.54
C VAL D 250 9.46 -21.11 -20.80
N ILE D 251 10.11 -21.32 -21.95
CA ILE D 251 9.63 -20.75 -23.19
C ILE D 251 8.42 -21.53 -23.67
N GLU D 252 7.35 -20.82 -24.04
CA GLU D 252 6.15 -21.49 -24.50
C GLU D 252 6.12 -21.50 -26.03
N ALA D 253 5.42 -22.50 -26.59
CA ALA D 253 5.27 -22.63 -28.04
C ALA D 253 3.79 -22.79 -28.38
N SER D 254 3.34 -22.12 -29.44
CA SER D 254 1.94 -22.16 -29.87
C SER D 254 1.62 -23.46 -30.65
N PHE D 255 2.60 -24.34 -30.82
CA PHE D 255 2.42 -25.53 -31.66
C PHE D 255 3.14 -26.71 -31.03
N PRO D 256 2.61 -27.95 -31.20
CA PRO D 256 3.18 -29.16 -30.61
C PRO D 256 4.48 -29.56 -31.30
#